data_9DYW
# 
_entry.id   9DYW 
# 
_audit_conform.dict_name       mmcif_pdbx.dic 
_audit_conform.dict_version    5.403 
_audit_conform.dict_location   http://mmcif.pdb.org/dictionaries/ascii/mmcif_pdbx.dic 
# 
loop_
_database_2.database_id 
_database_2.database_code 
_database_2.pdbx_database_accession 
_database_2.pdbx_DOI 
PDB   9DYW         pdb_00009dyw 10.2210/pdb9dyw/pdb 
WWPDB D_1000289062 ?            ?                   
# 
loop_
_pdbx_audit_revision_history.ordinal 
_pdbx_audit_revision_history.data_content_type 
_pdbx_audit_revision_history.major_revision 
_pdbx_audit_revision_history.minor_revision 
_pdbx_audit_revision_history.revision_date 
_pdbx_audit_revision_history.part_number 
1 'Structure model' 1 0 2025-03-26 ? 
2 'Structure model' 1 1 2025-04-16 ? 
# 
_pdbx_audit_revision_details.ordinal             1 
_pdbx_audit_revision_details.revision_ordinal    1 
_pdbx_audit_revision_details.data_content_type   'Structure model' 
_pdbx_audit_revision_details.provider            repository 
_pdbx_audit_revision_details.type                'Initial release' 
_pdbx_audit_revision_details.description         ? 
_pdbx_audit_revision_details.details             ? 
# 
_pdbx_audit_revision_group.ordinal             1 
_pdbx_audit_revision_group.revision_ordinal    2 
_pdbx_audit_revision_group.data_content_type   'Structure model' 
_pdbx_audit_revision_group.group               'Database references' 
# 
loop_
_pdbx_audit_revision_category.ordinal 
_pdbx_audit_revision_category.revision_ordinal 
_pdbx_audit_revision_category.data_content_type 
_pdbx_audit_revision_category.category 
1 2 'Structure model' citation        
2 2 'Structure model' citation_author 
# 
loop_
_pdbx_audit_revision_item.ordinal 
_pdbx_audit_revision_item.revision_ordinal 
_pdbx_audit_revision_item.data_content_type 
_pdbx_audit_revision_item.item 
1 2 'Structure model' '_citation.journal_volume'          
2 2 'Structure model' '_citation.page_first'              
3 2 'Structure model' '_citation.page_last'               
4 2 'Structure model' '_citation_author.identifier_ORCID' 
# 
_pdbx_database_status.status_code                     REL 
_pdbx_database_status.status_code_sf                  REL 
_pdbx_database_status.status_code_mr                  ? 
_pdbx_database_status.entry_id                        9DYW 
_pdbx_database_status.recvd_initial_deposition_date   2024-10-15 
_pdbx_database_status.SG_entry                        N 
_pdbx_database_status.deposit_site                    RCSB 
_pdbx_database_status.process_site                    RCSB 
_pdbx_database_status.status_code_cs                  ? 
_pdbx_database_status.status_code_nmr_data            ? 
_pdbx_database_status.methods_development_category    ? 
_pdbx_database_status.pdb_format_compatible           Y 
# 
_pdbx_contact_author.id                 2 
_pdbx_contact_author.email              jraskato@ucsc.edu 
_pdbx_contact_author.name_first         Jevgenij 
_pdbx_contact_author.name_last          Raskatov 
_pdbx_contact_author.name_mi            A 
_pdbx_contact_author.role               'principal investigator/group leader' 
_pdbx_contact_author.identifier_ORCID   0000-0002-0082-9113 
# 
loop_
_audit_author.name 
_audit_author.pdbx_ordinal 
_audit_author.identifier_ORCID 
'Sawaya, M.R.'   1 0000-0003-0874-9043 
'Raskatov, J.A.' 2 0000-0002-0082-9113 
'Hazari, A.'     3 0009-0005-2071-1322 
# 
_citation.abstract                  ? 
_citation.abstract_id_CAS           ? 
_citation.book_id_ISBN              ? 
_citation.book_publisher            ? 
_citation.book_publisher_city       ? 
_citation.book_title                ? 
_citation.coordinate_linkage        ? 
_citation.country                   UK 
_citation.database_id_Medline       ? 
_citation.details                   ? 
_citation.id                        primary 
_citation.journal_abbrev            'Chem Sci' 
_citation.journal_id_ASTM           ? 
_citation.journal_id_CSD            ? 
_citation.journal_id_ISSN           2041-6520 
_citation.journal_full              ? 
_citation.journal_issue             ? 
_citation.journal_volume            16 
_citation.language                  ? 
_citation.page_first                5907 
_citation.page_last                 5917 
_citation.title                     
;Formation of rippled beta-sheets from mixed chirality linear and cyclic peptides-new structural motifs based on the pauling-corey rippled beta-sheet.
;
_citation.year                      2025 
_citation.database_id_CSD           ? 
_citation.pdbx_database_id_DOI      10.1039/d4sc08079c 
_citation.pdbx_database_id_PubMed   40060095 
_citation.pdbx_database_id_patent   ? 
_citation.unpublished_flag          ? 
# 
loop_
_citation_author.citation_id 
_citation_author.name 
_citation_author.ordinal 
_citation_author.identifier_ORCID 
primary 'Hazari, A.'        1 ? 
primary 'Sawaya, M.R.'      2 ? 
primary 'Lee, H.'           3 ? 
primary 'Sajimon, M.'       4 ? 
primary 'Kim, H.'           5 ? 
primary 'Goddard Iii, W.A.' 6 ? 
primary 'Eisenberg, D.'     7 ? 
primary 'Raskatov, J.A.'    8 ? 
# 
loop_
_entity.id 
_entity.type 
_entity.src_method 
_entity.pdbx_description 
_entity.formula_weight 
_entity.pdbx_number_of_molecules 
_entity.pdbx_ec 
_entity.pdbx_mutation 
_entity.pdbx_fragment 
_entity.details 
1 polymer syn VVGGVV 528.642 2  ? ? ? ? 
2 water   nat water  18.015  10 ? ? ? ? 
# 
_entity_poly.entity_id                      1 
_entity_poly.type                           'polypeptide(L)' 
_entity_poly.nstd_linkage                   no 
_entity_poly.nstd_monomer                   no 
_entity_poly.pdbx_seq_one_letter_code       VVGGVV 
_entity_poly.pdbx_seq_one_letter_code_can   VVGGVV 
_entity_poly.pdbx_strand_id                 A,B 
_entity_poly.pdbx_target_identifier         ? 
# 
_pdbx_entity_nonpoly.entity_id   2 
_pdbx_entity_nonpoly.name        water 
_pdbx_entity_nonpoly.comp_id     HOH 
# 
loop_
_entity_poly_seq.entity_id 
_entity_poly_seq.num 
_entity_poly_seq.mon_id 
_entity_poly_seq.hetero 
1 1 VAL n 
1 2 VAL n 
1 3 GLY n 
1 4 GLY n 
1 5 VAL n 
1 6 VAL n 
# 
_pdbx_entity_src_syn.entity_id              1 
_pdbx_entity_src_syn.pdbx_src_id            1 
_pdbx_entity_src_syn.pdbx_alt_source_flag   sample 
_pdbx_entity_src_syn.pdbx_beg_seq_num       1 
_pdbx_entity_src_syn.pdbx_end_seq_num       6 
_pdbx_entity_src_syn.organism_scientific    'synthetic construct' 
_pdbx_entity_src_syn.organism_common_name   ? 
_pdbx_entity_src_syn.ncbi_taxonomy_id       32630 
_pdbx_entity_src_syn.details                ? 
# 
loop_
_chem_comp.id 
_chem_comp.type 
_chem_comp.mon_nstd_flag 
_chem_comp.name 
_chem_comp.pdbx_synonyms 
_chem_comp.formula 
_chem_comp.formula_weight 
GLY 'peptide linking'   y GLYCINE ? 'C2 H5 N O2'  75.067  
HOH non-polymer         . WATER   ? 'H2 O'        18.015  
VAL 'L-peptide linking' y VALINE  ? 'C5 H11 N O2' 117.146 
# 
loop_
_pdbx_poly_seq_scheme.asym_id 
_pdbx_poly_seq_scheme.entity_id 
_pdbx_poly_seq_scheme.seq_id 
_pdbx_poly_seq_scheme.mon_id 
_pdbx_poly_seq_scheme.ndb_seq_num 
_pdbx_poly_seq_scheme.pdb_seq_num 
_pdbx_poly_seq_scheme.auth_seq_num 
_pdbx_poly_seq_scheme.pdb_mon_id 
_pdbx_poly_seq_scheme.auth_mon_id 
_pdbx_poly_seq_scheme.pdb_strand_id 
_pdbx_poly_seq_scheme.pdb_ins_code 
_pdbx_poly_seq_scheme.hetero 
A 1 1 VAL 1 1 1 VAL VAL A . n 
A 1 2 VAL 2 2 2 VAL VAL A . n 
A 1 3 GLY 3 3 3 GLY GLY A . n 
A 1 4 GLY 4 4 4 GLY GLY A . n 
A 1 5 VAL 5 5 5 VAL VAL A . n 
A 1 6 VAL 6 6 6 VAL VAL A . n 
B 1 1 VAL 1 1 1 VAL VAL B . n 
B 1 2 VAL 2 2 2 VAL VAL B . n 
B 1 3 GLY 3 3 3 GLY GLY B . n 
B 1 4 GLY 4 4 4 GLY GLY B . n 
B 1 5 VAL 5 5 5 VAL VAL B . n 
B 1 6 VAL 6 6 6 VAL VAL B . n 
# 
loop_
_pdbx_nonpoly_scheme.asym_id 
_pdbx_nonpoly_scheme.entity_id 
_pdbx_nonpoly_scheme.mon_id 
_pdbx_nonpoly_scheme.ndb_seq_num 
_pdbx_nonpoly_scheme.pdb_seq_num 
_pdbx_nonpoly_scheme.auth_seq_num 
_pdbx_nonpoly_scheme.pdb_mon_id 
_pdbx_nonpoly_scheme.auth_mon_id 
_pdbx_nonpoly_scheme.pdb_strand_id 
_pdbx_nonpoly_scheme.pdb_ins_code 
C 2 HOH 1 101 16 HOH HOH A . 
C 2 HOH 2 102 18 HOH HOH A . 
C 2 HOH 3 103 19 HOH HOH A . 
D 2 HOH 1 101 15 HOH HOH B . 
D 2 HOH 2 102 12 HOH HOH B . 
D 2 HOH 3 103 17 HOH HOH B . 
D 2 HOH 4 104 17 HOH HOH B . 
D 2 HOH 5 105 14 HOH HOH B . 
D 2 HOH 6 106 13 HOH HOH B . 
D 2 HOH 7 107 11 HOH HOH B . 
# 
loop_
_software.citation_id 
_software.classification 
_software.compiler_name 
_software.compiler_version 
_software.contact_author 
_software.contact_author_email 
_software.date 
_software.description 
_software.dependencies 
_software.hardware 
_software.language 
_software.location 
_software.mods 
_software.name 
_software.os 
_software.os_version 
_software.type 
_software.version 
_software.pdbx_ordinal 
? refinement       ? ? ? ? ? ? ? ? ? ? ? REFMAC ? ? ? 5.8.0267 1 
? 'data scaling'   ? ? ? ? ? ? ? ? ? ? ? XSCALE ? ? ? 20230630 2 
? 'data reduction' ? ? ? ? ? ? ? ? ? ? ? XDS    ? ? ? 20230630 3 
? phasing          ? ? ? ? ? ? ? ? ? ? ? SHELXD ? ? ? 2013/2   4 
# 
_cell.angle_alpha                  88.665 
_cell.angle_alpha_esd              ? 
_cell.angle_beta                   92.764 
_cell.angle_beta_esd               ? 
_cell.angle_gamma                  103.947 
_cell.angle_gamma_esd              ? 
_cell.entry_id                     9DYW 
_cell.details                      ? 
_cell.formula_units_Z              ? 
_cell.length_a                     22.950 
_cell.length_a_esd                 ? 
_cell.length_b                     15.490 
_cell.length_b_esd                 ? 
_cell.length_c                     9.520 
_cell.length_c_esd                 ? 
_cell.volume                       ? 
_cell.volume_esd                   ? 
_cell.Z_PDB                        4 
_cell.reciprocal_angle_alpha       ? 
_cell.reciprocal_angle_beta        ? 
_cell.reciprocal_angle_gamma       ? 
_cell.reciprocal_angle_alpha_esd   ? 
_cell.reciprocal_angle_beta_esd    ? 
_cell.reciprocal_angle_gamma_esd   ? 
_cell.reciprocal_length_a          ? 
_cell.reciprocal_length_b          ? 
_cell.reciprocal_length_c          ? 
_cell.reciprocal_length_a_esd      ? 
_cell.reciprocal_length_b_esd      ? 
_cell.reciprocal_length_c_esd      ? 
_cell.pdbx_unique_axis             ? 
_cell.pdbx_esd_method              ? 
# 
_symmetry.entry_id                         9DYW 
_symmetry.cell_setting                     ? 
_symmetry.Int_Tables_number                2 
_symmetry.space_group_name_Hall            ? 
_symmetry.space_group_name_H-M             'P -1' 
_symmetry.pdbx_full_space_group_name_H-M   ? 
# 
_exptl.absorpt_coefficient_mu     ? 
_exptl.absorpt_correction_T_max   ? 
_exptl.absorpt_correction_T_min   ? 
_exptl.absorpt_correction_type    ? 
_exptl.absorpt_process_details    ? 
_exptl.entry_id                   9DYW 
_exptl.crystals_number            1 
_exptl.details                    ? 
_exptl.method                     'X-RAY DIFFRACTION' 
_exptl.method_details             ? 
# 
_exptl_crystal.colour                       ? 
_exptl_crystal.density_diffrn               ? 
_exptl_crystal.density_Matthews             1.55 
_exptl_crystal.density_method               ? 
_exptl_crystal.density_percent_sol          20.72 
_exptl_crystal.description                  needle 
_exptl_crystal.F_000                        ? 
_exptl_crystal.id                           1 
_exptl_crystal.preparation                  ? 
_exptl_crystal.size_max                     ? 
_exptl_crystal.size_mid                     ? 
_exptl_crystal.size_min                     ? 
_exptl_crystal.size_rad                     ? 
_exptl_crystal.colour_lustre                ? 
_exptl_crystal.colour_modifier              ? 
_exptl_crystal.colour_primary               ? 
_exptl_crystal.density_meas                 ? 
_exptl_crystal.density_meas_esd             ? 
_exptl_crystal.density_meas_gt              ? 
_exptl_crystal.density_meas_lt              ? 
_exptl_crystal.density_meas_temp            ? 
_exptl_crystal.density_meas_temp_esd        ? 
_exptl_crystal.density_meas_temp_gt         ? 
_exptl_crystal.density_meas_temp_lt         ? 
_exptl_crystal.pdbx_crystal_image_url       ? 
_exptl_crystal.pdbx_crystal_image_format    ? 
_exptl_crystal.pdbx_mosaicity               ? 
_exptl_crystal.pdbx_mosaicity_esd           ? 
_exptl_crystal.pdbx_mosaic_method           ? 
_exptl_crystal.pdbx_mosaic_block_size       ? 
_exptl_crystal.pdbx_mosaic_block_size_esd   ? 
# 
_exptl_crystal_grow.apparatus       ? 
_exptl_crystal_grow.atmosphere      ? 
_exptl_crystal_grow.crystal_id      1 
_exptl_crystal_grow.details         ? 
_exptl_crystal_grow.method          'BATCH MODE' 
_exptl_crystal_grow.method_ref      ? 
_exptl_crystal_grow.pH              3 
_exptl_crystal_grow.pressure        ? 
_exptl_crystal_grow.pressure_esd    ? 
_exptl_crystal_grow.seeding         ? 
_exptl_crystal_grow.seeding_ref     ? 
_exptl_crystal_grow.temp_details    ? 
_exptl_crystal_grow.temp_esd        ? 
_exptl_crystal_grow.time            ? 
_exptl_crystal_grow.pdbx_details    '20% hexafluoroisopropanol in water' 
_exptl_crystal_grow.pdbx_pH_range   ? 
_exptl_crystal_grow.temp            298 
# 
_diffrn.ambient_environment              ? 
_diffrn.ambient_temp                     100 
_diffrn.ambient_temp_details             ? 
_diffrn.ambient_temp_esd                 ? 
_diffrn.crystal_id                       1 
_diffrn.crystal_support                  ? 
_diffrn.crystal_treatment                ? 
_diffrn.details                          ? 
_diffrn.id                               1 
_diffrn.ambient_pressure                 ? 
_diffrn.ambient_pressure_esd             ? 
_diffrn.ambient_pressure_gt              ? 
_diffrn.ambient_pressure_lt              ? 
_diffrn.ambient_temp_gt                  ? 
_diffrn.ambient_temp_lt                  ? 
_diffrn.pdbx_serial_crystal_experiment   N 
# 
_diffrn_detector.details                      ? 
_diffrn_detector.detector                     PIXEL 
_diffrn_detector.diffrn_id                    1 
_diffrn_detector.type                         'DECTRIS EIGER X 16M' 
_diffrn_detector.area_resol_mean              ? 
_diffrn_detector.dtime                        ? 
_diffrn_detector.pdbx_frames_total            ? 
_diffrn_detector.pdbx_collection_time_total   ? 
_diffrn_detector.pdbx_collection_date         2023-10-08 
_diffrn_detector.pdbx_frequency               ? 
_diffrn_detector.id                           ? 
_diffrn_detector.number_of_axes               ? 
# 
_diffrn_radiation.collimation                      ? 
_diffrn_radiation.diffrn_id                        1 
_diffrn_radiation.filter_edge                      ? 
_diffrn_radiation.inhomogeneity                    ? 
_diffrn_radiation.monochromator                    ? 
_diffrn_radiation.polarisn_norm                    ? 
_diffrn_radiation.polarisn_ratio                   ? 
_diffrn_radiation.probe                            ? 
_diffrn_radiation.type                             ? 
_diffrn_radiation.xray_symbol                      ? 
_diffrn_radiation.wavelength_id                    1 
_diffrn_radiation.pdbx_monochromatic_or_laue_m_l   M 
_diffrn_radiation.pdbx_wavelength_list             ? 
_diffrn_radiation.pdbx_wavelength                  ? 
_diffrn_radiation.pdbx_diffrn_protocol             'SINGLE WAVELENGTH' 
_diffrn_radiation.pdbx_analyzer                    ? 
_diffrn_radiation.pdbx_scattering_type             x-ray 
# 
_diffrn_radiation_wavelength.id           1 
_diffrn_radiation_wavelength.wavelength   0.979330 
_diffrn_radiation_wavelength.wt           1.0 
# 
_diffrn_source.current                     ? 
_diffrn_source.details                     ? 
_diffrn_source.diffrn_id                   1 
_diffrn_source.power                       ? 
_diffrn_source.size                        ? 
_diffrn_source.source                      SYNCHROTRON 
_diffrn_source.target                      ? 
_diffrn_source.type                        'NSLS-II BEAMLINE 17-ID-2' 
_diffrn_source.voltage                     ? 
_diffrn_source.take-off_angle              ? 
_diffrn_source.pdbx_wavelength_list        0.979330 
_diffrn_source.pdbx_wavelength             ? 
_diffrn_source.pdbx_synchrotron_beamline   17-ID-2 
_diffrn_source.pdbx_synchrotron_site       NSLS-II 
# 
_reflns.B_iso_Wilson_estimate                          ? 
_reflns.entry_id                                       9DYW 
_reflns.data_reduction_details                         ? 
_reflns.data_reduction_method                          ? 
_reflns.d_resolution_high                              1.1 
_reflns.d_resolution_low                               15.03 
_reflns.details                                        ? 
_reflns.limit_h_max                                    ? 
_reflns.limit_h_min                                    ? 
_reflns.limit_k_max                                    ? 
_reflns.limit_k_min                                    ? 
_reflns.limit_l_max                                    ? 
_reflns.limit_l_min                                    ? 
_reflns.number_all                                     ? 
_reflns.number_obs                                     4615 
_reflns.observed_criterion                             ? 
_reflns.observed_criterion_F_max                       ? 
_reflns.observed_criterion_F_min                       ? 
_reflns.observed_criterion_I_max                       ? 
_reflns.observed_criterion_I_min                       ? 
_reflns.observed_criterion_sigma_F                     ? 
_reflns.observed_criterion_sigma_I                     ? 
_reflns.percent_possible_obs                           89.4 
_reflns.R_free_details                                 ? 
_reflns.Rmerge_F_all                                   ? 
_reflns.Rmerge_F_obs                                   ? 
_reflns.Friedel_coverage                               ? 
_reflns.number_gt                                      ? 
_reflns.threshold_expression                           ? 
_reflns.pdbx_redundancy                                2.7 
_reflns.pdbx_netI_over_av_sigmaI                       ? 
_reflns.pdbx_netI_over_sigmaI                          3.96 
_reflns.pdbx_res_netI_over_av_sigmaI_2                 ? 
_reflns.pdbx_res_netI_over_sigmaI_2                    ? 
_reflns.pdbx_chi_squared                               ? 
_reflns.pdbx_scaling_rejects                           ? 
_reflns.pdbx_d_res_high_opt                            ? 
_reflns.pdbx_d_res_low_opt                             ? 
_reflns.pdbx_d_res_opt_method                          ? 
_reflns.phase_calculation_details                      ? 
_reflns.pdbx_Rrim_I_all                                0.19 
_reflns.pdbx_Rpim_I_all                                ? 
_reflns.pdbx_d_opt                                     ? 
_reflns.pdbx_number_measured_all                       ? 
_reflns.pdbx_diffrn_id                                 1 
_reflns.pdbx_ordinal                                   1 
_reflns.pdbx_CC_half                                   0.981 
_reflns.pdbx_CC_star                                   ? 
_reflns.pdbx_R_split                                   ? 
_reflns.pdbx_Rmerge_I_obs                              0.155 
_reflns.pdbx_Rmerge_I_all                              ? 
_reflns.pdbx_Rsym_value                                ? 
_reflns.pdbx_CC_split_method                           ? 
_reflns.pdbx_aniso_diffraction_limit_axis_1_ortho[1]   ? 
_reflns.pdbx_aniso_diffraction_limit_axis_1_ortho[2]   ? 
_reflns.pdbx_aniso_diffraction_limit_axis_1_ortho[3]   ? 
_reflns.pdbx_aniso_diffraction_limit_axis_2_ortho[1]   ? 
_reflns.pdbx_aniso_diffraction_limit_axis_2_ortho[2]   ? 
_reflns.pdbx_aniso_diffraction_limit_axis_2_ortho[3]   ? 
_reflns.pdbx_aniso_diffraction_limit_axis_3_ortho[1]   ? 
_reflns.pdbx_aniso_diffraction_limit_axis_3_ortho[2]   ? 
_reflns.pdbx_aniso_diffraction_limit_axis_3_ortho[3]   ? 
_reflns.pdbx_aniso_diffraction_limit_1                 ? 
_reflns.pdbx_aniso_diffraction_limit_2                 ? 
_reflns.pdbx_aniso_diffraction_limit_3                 ? 
_reflns.pdbx_aniso_B_tensor_eigenvector_1_ortho[1]     ? 
_reflns.pdbx_aniso_B_tensor_eigenvector_1_ortho[2]     ? 
_reflns.pdbx_aniso_B_tensor_eigenvector_1_ortho[3]     ? 
_reflns.pdbx_aniso_B_tensor_eigenvector_2_ortho[1]     ? 
_reflns.pdbx_aniso_B_tensor_eigenvector_2_ortho[2]     ? 
_reflns.pdbx_aniso_B_tensor_eigenvector_2_ortho[3]     ? 
_reflns.pdbx_aniso_B_tensor_eigenvector_3_ortho[1]     ? 
_reflns.pdbx_aniso_B_tensor_eigenvector_3_ortho[2]     ? 
_reflns.pdbx_aniso_B_tensor_eigenvector_3_ortho[3]     ? 
_reflns.pdbx_aniso_B_tensor_eigenvalue_1               ? 
_reflns.pdbx_aniso_B_tensor_eigenvalue_2               ? 
_reflns.pdbx_aniso_B_tensor_eigenvalue_3               ? 
_reflns.pdbx_orthogonalization_convention              ? 
_reflns.pdbx_percent_possible_ellipsoidal              ? 
_reflns.pdbx_percent_possible_spherical                ? 
_reflns.pdbx_percent_possible_ellipsoidal_anomalous    ? 
_reflns.pdbx_percent_possible_spherical_anomalous      ? 
_reflns.pdbx_redundancy_anomalous                      ? 
_reflns.pdbx_CC_half_anomalous                         ? 
_reflns.pdbx_absDiff_over_sigma_anomalous              ? 
_reflns.pdbx_percent_possible_anomalous                ? 
_reflns.pdbx_observed_signal_threshold                 ? 
_reflns.pdbx_signal_type                               ? 
_reflns.pdbx_signal_details                            ? 
_reflns.pdbx_signal_software_id                        ? 
# 
loop_
_reflns_shell.d_res_high 
_reflns_shell.d_res_low 
_reflns_shell.meanI_over_sigI_all 
_reflns_shell.meanI_over_sigI_obs 
_reflns_shell.number_measured_all 
_reflns_shell.number_measured_obs 
_reflns_shell.number_possible 
_reflns_shell.number_unique_all 
_reflns_shell.number_unique_obs 
_reflns_shell.percent_possible_obs 
_reflns_shell.Rmerge_F_all 
_reflns_shell.Rmerge_F_obs 
_reflns_shell.meanI_over_sigI_gt 
_reflns_shell.meanI_over_uI_all 
_reflns_shell.meanI_over_uI_gt 
_reflns_shell.number_measured_gt 
_reflns_shell.number_unique_gt 
_reflns_shell.percent_possible_gt 
_reflns_shell.Rmerge_F_gt 
_reflns_shell.Rmerge_I_gt 
_reflns_shell.pdbx_redundancy 
_reflns_shell.pdbx_chi_squared 
_reflns_shell.pdbx_netI_over_sigmaI_all 
_reflns_shell.pdbx_netI_over_sigmaI_obs 
_reflns_shell.pdbx_Rrim_I_all 
_reflns_shell.pdbx_Rpim_I_all 
_reflns_shell.pdbx_rejects 
_reflns_shell.pdbx_ordinal 
_reflns_shell.pdbx_diffrn_id 
_reflns_shell.pdbx_CC_half 
_reflns_shell.pdbx_CC_star 
_reflns_shell.pdbx_R_split 
_reflns_shell.percent_possible_all 
_reflns_shell.Rmerge_I_all 
_reflns_shell.Rmerge_I_obs 
_reflns_shell.pdbx_Rsym_value 
_reflns_shell.pdbx_percent_possible_ellipsoidal 
_reflns_shell.pdbx_percent_possible_spherical 
_reflns_shell.pdbx_percent_possible_ellipsoidal_anomalous 
_reflns_shell.pdbx_percent_possible_spherical_anomalous 
_reflns_shell.pdbx_redundancy_anomalous 
_reflns_shell.pdbx_CC_half_anomalous 
_reflns_shell.pdbx_absDiff_over_sigma_anomalous 
_reflns_shell.pdbx_percent_possible_anomalous 
1.10 1.13  ? ? ? ? ? ? 211 ? ? ? ? ? ? ? ? ? ? ? ? ? ? ? 0.362 ? ? 1  1 0.853 ? ? ? ? 0.28  ? ? ? ? ? ? ? ? ? 
1.13 1.16  ? ? ? ? ? ? 303 ? ? ? ? ? ? ? ? ? ? ? ? ? ? ? 0.332 ? ? 2  1 0.927 ? ? ? ? 0.262 ? ? ? ? ? ? ? ? ? 
1.16 1.19  ? ? ? ? ? ? 300 ? ? ? ? ? ? ? ? ? ? ? ? ? ? ? 0.286 ? ? 3  1 0.961 ? ? ? ? 0.228 ? ? ? ? ? ? ? ? ? 
1.19 1.23  ? ? ? ? ? ? 312 ? ? ? ? ? ? ? ? ? ? ? ? ? ? ? 0.318 ? ? 4  1 0.906 ? ? ? ? 0.256 ? ? ? ? ? ? ? ? ? 
1.23 1.27  ? ? ? ? ? ? 308 ? ? ? ? ? ? ? ? ? ? ? ? ? ? ? 0.288 ? ? 5  1 0.926 ? ? ? ? 0.23  ? ? ? ? ? ? ? ? ? 
1.27 1.32  ? ? ? ? ? ? 304 ? ? ? ? ? ? ? ? ? ? ? ? ? ? ? 0.3   ? ? 6  1 0.877 ? ? ? ? 0.243 ? ? ? ? ? ? ? ? ? 
1.32 1.36  ? ? ? ? ? ? 307 ? ? ? ? ? ? ? ? ? ? ? ? ? ? ? 0.29  ? ? 7  1 0.916 ? ? ? ? 0.236 ? ? ? ? ? ? ? ? ? 
1.36 1.42  ? ? ? ? ? ? 275 ? ? ? ? ? ? ? ? ? ? ? ? ? ? ? 0.271 ? ? 8  1 0.92  ? ? ? ? 0.22  ? ? ? ? ? ? ? ? ? 
1.42 1.48  ? ? ? ? ? ? 276 ? ? ? ? ? ? ? ? ? ? ? ? ? ? ? 0.245 ? ? 9  1 0.936 ? ? ? ? 0.197 ? ? ? ? ? ? ? ? ? 
1.48 1.56  ? ? ? ? ? ? 269 ? ? ? ? ? ? ? ? ? ? ? ? ? ? ? 0.248 ? ? 10 1 0.945 ? ? ? ? 0.202 ? ? ? ? ? ? ? ? ? 
1.56 1.64  ? ? ? ? ? ? 257 ? ? ? ? ? ? ? ? ? ? ? ? ? ? ? 0.259 ? ? 11 1 0.894 ? ? ? ? 0.211 ? ? ? ? ? ? ? ? ? 
1.64 1.74  ? ? ? ? ? ? 231 ? ? ? ? ? ? ? ? ? ? ? ? ? ? ? 0.212 ? ? 12 1 0.965 ? ? ? ? 0.171 ? ? ? ? ? ? ? ? ? 
1.74 1.86  ? ? ? ? ? ? 233 ? ? ? ? ? ? ? ? ? ? ? ? ? ? ? 0.21  ? ? 13 1 0.958 ? ? ? ? 0.172 ? ? ? ? ? ? ? ? ? 
1.86 2.01  ? ? ? ? ? ? 209 ? ? ? ? ? ? ? ? ? ? ? ? ? ? ? 0.197 ? ? 14 1 0.949 ? ? ? ? 0.161 ? ? ? ? ? ? ? ? ? 
2.01 2.2   ? ? ? ? ? ? 196 ? ? ? ? ? ? ? ? ? ? ? ? ? ? ? 0.194 ? ? 15 1 0.963 ? ? ? ? 0.16  ? ? ? ? ? ? ? ? ? 
2.20 2.46  ? ? ? ? ? ? 171 ? ? ? ? ? ? ? ? ? ? ? ? ? ? ? 0.173 ? ? 16 1 0.955 ? ? ? ? 0.143 ? ? ? ? ? ? ? ? ? 
2.46 2.84  ? ? ? ? ? ? 153 ? ? ? ? ? ? ? ? ? ? ? ? ? ? ? 0.173 ? ? 17 1 0.98  ? ? ? ? 0.137 ? ? ? ? ? ? ? ? ? 
2.84 3.48  ? ? ? ? ? ? 137 ? ? ? ? ? ? ? ? ? ? ? ? ? ? ? 0.173 ? ? 18 1 0.977 ? ? ? ? 0.144 ? ? ? ? ? ? ? ? ? 
3.48 4.92  ? ? ? ? ? ? 110 ? ? ? ? ? ? ? ? ? ? ? ? ? ? ? 0.144 ? ? 19 1 0.986 ? ? ? ? 0.116 ? ? ? ? ? ? ? ? ? 
4.92 15.03 ? ? ? ? ? ? 53  ? ? ? ? ? ? ? ? ? ? ? ? ? ? ? 0.14  ? ? 20 1 0.992 ? ? ? ? 0.112 ? ? ? ? ? ? ? ? ? 
# 
_refine.aniso_B[1][1]                            0.006 
_refine.aniso_B[1][2]                            -0.111 
_refine.aniso_B[1][3]                            -0.030 
_refine.aniso_B[2][2]                            0.524 
_refine.aniso_B[2][3]                            0.157 
_refine.aniso_B[3][3]                            -0.533 
_refine.B_iso_max                                ? 
_refine.B_iso_mean                               6.533 
_refine.B_iso_min                                ? 
_refine.correlation_coeff_Fo_to_Fc               0.975 
_refine.correlation_coeff_Fo_to_Fc_free          0.975 
_refine.details                                  'Hydrogens have been added in their riding positions' 
_refine.diff_density_max                         ? 
_refine.diff_density_max_esd                     ? 
_refine.diff_density_min                         ? 
_refine.diff_density_min_esd                     ? 
_refine.diff_density_rms                         ? 
_refine.diff_density_rms_esd                     ? 
_refine.entry_id                                 9DYW 
_refine.pdbx_refine_id                           'X-RAY DIFFRACTION' 
_refine.ls_abs_structure_details                 ? 
_refine.ls_abs_structure_Flack                   ? 
_refine.ls_abs_structure_Flack_esd               ? 
_refine.ls_abs_structure_Rogers                  ? 
_refine.ls_abs_structure_Rogers_esd              ? 
_refine.ls_d_res_high                            1.100 
_refine.ls_d_res_low                             15.03 
_refine.ls_extinction_coef                       ? 
_refine.ls_extinction_coef_esd                   ? 
_refine.ls_extinction_expression                 ? 
_refine.ls_extinction_method                     ? 
_refine.ls_goodness_of_fit_all                   ? 
_refine.ls_goodness_of_fit_all_esd               ? 
_refine.ls_goodness_of_fit_obs                   ? 
_refine.ls_goodness_of_fit_obs_esd               ? 
_refine.ls_hydrogen_treatment                    ? 
_refine.ls_matrix_type                           ? 
_refine.ls_number_constraints                    ? 
_refine.ls_number_parameters                     ? 
_refine.ls_number_reflns_all                     ? 
_refine.ls_number_reflns_obs                     4615 
_refine.ls_number_reflns_R_free                  462 
_refine.ls_number_reflns_R_work                  4153 
_refine.ls_number_restraints                     ? 
_refine.ls_percent_reflns_obs                    89.438 
_refine.ls_percent_reflns_R_free                 10.011 
_refine.ls_R_factor_all                          0.152 
_refine.ls_R_factor_obs                          ? 
_refine.ls_R_factor_R_free                       0.1672 
_refine.ls_R_factor_R_free_error                 ? 
_refine.ls_R_factor_R_free_error_details         ? 
_refine.ls_R_factor_R_work                       0.1508 
_refine.ls_R_Fsqd_factor_obs                     ? 
_refine.ls_R_I_factor_obs                        ? 
_refine.ls_redundancy_reflns_all                 ? 
_refine.ls_redundancy_reflns_obs                 ? 
_refine.ls_restrained_S_all                      ? 
_refine.ls_restrained_S_obs                      ? 
_refine.ls_shift_over_esd_max                    ? 
_refine.ls_shift_over_esd_mean                   ? 
_refine.ls_structure_factor_coef                 ? 
_refine.ls_weighting_details                     ? 
_refine.ls_weighting_scheme                      ? 
_refine.ls_wR_factor_all                         ? 
_refine.ls_wR_factor_obs                         ? 
_refine.ls_wR_factor_R_free                      ? 
_refine.ls_wR_factor_R_work                      ? 
_refine.occupancy_max                            ? 
_refine.occupancy_min                            ? 
_refine.solvent_model_details                    'MASK BULK SOLVENT' 
_refine.solvent_model_param_bsol                 ? 
_refine.solvent_model_param_ksol                 ? 
_refine.pdbx_R_complete                          ? 
_refine.ls_R_factor_gt                           ? 
_refine.ls_goodness_of_fit_gt                    ? 
_refine.ls_goodness_of_fit_ref                   ? 
_refine.ls_shift_over_su_max                     ? 
_refine.ls_shift_over_su_max_lt                  ? 
_refine.ls_shift_over_su_mean                    ? 
_refine.ls_shift_over_su_mean_lt                 ? 
_refine.pdbx_ls_sigma_I                          ? 
_refine.pdbx_ls_sigma_F                          ? 
_refine.pdbx_ls_sigma_Fsqd                       ? 
_refine.pdbx_data_cutoff_high_absF               ? 
_refine.pdbx_data_cutoff_high_rms_absF           ? 
_refine.pdbx_data_cutoff_low_absF                ? 
_refine.pdbx_isotropic_thermal_model             ? 
_refine.pdbx_ls_cross_valid_method               'FREE R-VALUE' 
_refine.pdbx_method_to_determine_struct          'AB INITIO PHASING' 
_refine.pdbx_starting_model                      ? 
_refine.pdbx_stereochemistry_target_values       ? 
_refine.pdbx_R_Free_selection_details            ? 
_refine.pdbx_stereochem_target_val_spec_case     ? 
_refine.pdbx_overall_ESU_R                       0.029 
_refine.pdbx_overall_ESU_R_Free                  0.029 
_refine.pdbx_solvent_vdw_probe_radii             1.200 
_refine.pdbx_solvent_ion_probe_radii             0.800 
_refine.pdbx_solvent_shrinkage_radii             0.800 
_refine.pdbx_real_space_R                        ? 
_refine.pdbx_density_correlation                 ? 
_refine.pdbx_pd_number_of_powder_patterns        ? 
_refine.pdbx_pd_number_of_points                 ? 
_refine.pdbx_pd_meas_number_of_points            ? 
_refine.pdbx_pd_proc_ls_prof_R_factor            ? 
_refine.pdbx_pd_proc_ls_prof_wR_factor           ? 
_refine.pdbx_pd_Marquardt_correlation_coeff      ? 
_refine.pdbx_pd_Fsqrd_R_factor                   ? 
_refine.pdbx_pd_ls_matrix_band_width             ? 
_refine.pdbx_overall_phase_error                 ? 
_refine.pdbx_overall_SU_R_free_Cruickshank_DPI   ? 
_refine.pdbx_overall_SU_R_free_Blow_DPI          ? 
_refine.pdbx_overall_SU_R_Blow_DPI               ? 
_refine.pdbx_TLS_residual_ADP_flag               ? 
_refine.pdbx_diffrn_id                           1 
_refine.overall_SU_B                             0.632 
_refine.overall_SU_ML                            0.014 
_refine.overall_SU_R_Cruickshank_DPI             ? 
_refine.overall_SU_R_free                        ? 
_refine.overall_FOM_free_R_set                   ? 
_refine.overall_FOM_work_R_set                   ? 
_refine.pdbx_average_fsc_overall                 ? 
_refine.pdbx_average_fsc_work                    ? 
_refine.pdbx_average_fsc_free                    ? 
# 
_refine_hist.pdbx_refine_id                   'X-RAY DIFFRACTION' 
_refine_hist.cycle_id                         LAST 
_refine_hist.details                          ? 
_refine_hist.d_res_high                       1.100 
_refine_hist.d_res_low                        15.03 
_refine_hist.number_atoms_solvent             10 
_refine_hist.number_atoms_total               84 
_refine_hist.number_reflns_all                ? 
_refine_hist.number_reflns_obs                ? 
_refine_hist.number_reflns_R_free             ? 
_refine_hist.number_reflns_R_work             ? 
_refine_hist.R_factor_all                     ? 
_refine_hist.R_factor_obs                     ? 
_refine_hist.R_factor_R_free                  ? 
_refine_hist.R_factor_R_work                  ? 
_refine_hist.pdbx_number_residues_total       ? 
_refine_hist.pdbx_B_iso_mean_ligand           ? 
_refine_hist.pdbx_B_iso_mean_solvent          ? 
_refine_hist.pdbx_number_atoms_protein        74 
_refine_hist.pdbx_number_atoms_nucleic_acid   0 
_refine_hist.pdbx_number_atoms_ligand         0 
_refine_hist.pdbx_number_atoms_lipid          ? 
_refine_hist.pdbx_number_atoms_carb           ? 
_refine_hist.pdbx_pseudo_atom_details         ? 
# 
loop_
_refine_ls_restr.pdbx_refine_id 
_refine_ls_restr.criterion 
_refine_ls_restr.dev_ideal 
_refine_ls_restr.dev_ideal_target 
_refine_ls_restr.number 
_refine_ls_restr.rejects 
_refine_ls_restr.type 
_refine_ls_restr.weight 
_refine_ls_restr.pdbx_restraint_function 
'X-RAY DIFFRACTION' ? 0.013 0.013  77  ? r_bond_refined_d               ? ? 
'X-RAY DIFFRACTION' ? 0.007 0.017  96  ? r_bond_other_d                 ? ? 
'X-RAY DIFFRACTION' ? 1.958 1.611  107 ? r_angle_refined_deg            ? ? 
'X-RAY DIFFRACTION' ? 1.364 1.628  215 ? r_angle_other_deg              ? ? 
'X-RAY DIFFRACTION' ? 7.268 5.000  12  ? r_dihedral_angle_1_deg         ? ? 
'X-RAY DIFFRACTION' ? 8.558 15.000 9   ? r_dihedral_angle_3_deg         ? ? 
'X-RAY DIFFRACTION' ? 0.062 0.200  9   ? r_chiral_restr                 ? ? 
'X-RAY DIFFRACTION' ? 0.006 0.020  93  ? r_gen_planes_refined           ? ? 
'X-RAY DIFFRACTION' ? 0.001 0.020  11  ? r_gen_planes_other             ? ? 
'X-RAY DIFFRACTION' ? 0.072 0.200  12  ? r_nbd_refined                  ? ? 
'X-RAY DIFFRACTION' ? 0.141 0.200  75  ? r_symmetry_nbd_other           ? ? 
'X-RAY DIFFRACTION' ? 0.134 0.200  43  ? r_nbtor_refined                ? ? 
'X-RAY DIFFRACTION' ? 0.079 0.200  54  ? r_symmetry_nbtor_other         ? ? 
'X-RAY DIFFRACTION' ? 0.062 0.200  7   ? r_xyhbond_nbd_refined          ? ? 
'X-RAY DIFFRACTION' ? 0.027 0.200  2   ? r_symmetry_nbd_refined         ? ? 
'X-RAY DIFFRACTION' ? 0.096 0.200  29  ? r_nbd_other                    ? ? 
'X-RAY DIFFRACTION' ? 0.118 0.200  7   ? r_symmetry_xyhbond_nbd_refined ? ? 
'X-RAY DIFFRACTION' ? 0.492 0.588  48  ? r_mcbond_it                    ? ? 
'X-RAY DIFFRACTION' ? 0.497 0.586  47  ? r_mcbond_other                 ? ? 
'X-RAY DIFFRACTION' ? 0.654 0.891  57  ? r_mcangle_it                   ? ? 
'X-RAY DIFFRACTION' ? 0.648 0.892  58  ? r_mcangle_other                ? ? 
'X-RAY DIFFRACTION' ? 0.618 0.689  29  ? r_scbond_it                    ? ? 
'X-RAY DIFFRACTION' ? 0.615 0.693  29  ? r_scbond_other                 ? ? 
'X-RAY DIFFRACTION' ? 0.806 1.009  49  ? r_scangle_it                   ? ? 
'X-RAY DIFFRACTION' ? 0.806 1.011  49  ? r_scangle_other                ? ? 
'X-RAY DIFFRACTION' ? 1.236 8.729  78  ? r_lrange_it                    ? ? 
'X-RAY DIFFRACTION' ? 1.240 8.637  77  ? r_lrange_other                 ? ? 
'X-RAY DIFFRACTION' ? 1.336 3.000  173 ? r_rigid_bond_restr             ? ? 
# 
loop_
_refine_ls_shell.pdbx_refine_id 
_refine_ls_shell.d_res_high 
_refine_ls_shell.d_res_low 
_refine_ls_shell.number_reflns_all 
_refine_ls_shell.number_reflns_obs 
_refine_ls_shell.number_reflns_R_free 
_refine_ls_shell.number_reflns_R_work 
_refine_ls_shell.percent_reflns_obs 
_refine_ls_shell.percent_reflns_R_free 
_refine_ls_shell.R_factor_all 
_refine_ls_shell.R_factor_obs 
_refine_ls_shell.R_factor_R_free_error 
_refine_ls_shell.R_factor_R_work 
_refine_ls_shell.redundancy_reflns_all 
_refine_ls_shell.redundancy_reflns_obs 
_refine_ls_shell.wR_factor_all 
_refine_ls_shell.wR_factor_obs 
_refine_ls_shell.wR_factor_R_free 
_refine_ls_shell.wR_factor_R_work 
_refine_ls_shell.pdbx_R_complete 
_refine_ls_shell.pdbx_total_number_of_bins_used 
_refine_ls_shell.pdbx_phase_error 
_refine_ls_shell.pdbx_fsc_work 
_refine_ls_shell.pdbx_fsc_free 
_refine_ls_shell.R_factor_R_free 
'X-RAY DIFFRACTION' 1.100 1.229 . . 112 1002 76.4585 . . . . 0.201 . . . . . . . . . . . 0.174 
'X-RAY DIFFRACTION' 1.229 1.418 . . 120 1080 92.6641 . . . . 0.178 . . . . . . . . . . . 0.201 
'X-RAY DIFFRACTION' 1.418 1.733 . . 101 915  94.4238 . . . . 0.138 . . . . . . . . . . . 0.162 
'X-RAY DIFFRACTION' 1.733 2.434 . . 82  740  95.8042 . . . . 0.127 . . . . . . . . . . . 0.157 
'X-RAY DIFFRACTION' 2.434 15.03 . . 47  416  97.8858 . . . . 0.147 . . . . . . . . . . . 0.158 
# 
_struct.entry_id                     9DYW 
_struct.title                        'racemic mixture of peptide VVGGVV forms rippled sheets' 
_struct.pdbx_model_details           ? 
_struct.pdbx_formula_weight          ? 
_struct.pdbx_formula_weight_method   ? 
_struct.pdbx_model_type_details      ? 
_struct.pdbx_CASP_flag               N 
# 
_struct_keywords.entry_id        9DYW 
_struct_keywords.text            'rippled sheet, racemic mixture, PROTEIN FIBRIL' 
_struct_keywords.pdbx_keywords   'PROTEIN FIBRIL' 
# 
loop_
_struct_asym.id 
_struct_asym.pdbx_blank_PDB_chainid_flag 
_struct_asym.pdbx_modified 
_struct_asym.entity_id 
_struct_asym.details 
A N N 1 ? 
B N N 1 ? 
C N N 2 ? 
D N N 2 ? 
# 
_struct_ref.id                         1 
_struct_ref.db_name                    PDB 
_struct_ref.db_code                    9DYW 
_struct_ref.pdbx_db_accession          9DYW 
_struct_ref.pdbx_db_isoform            ? 
_struct_ref.entity_id                  1 
_struct_ref.pdbx_seq_one_letter_code   ? 
_struct_ref.pdbx_align_begin           1 
# 
loop_
_struct_ref_seq.align_id 
_struct_ref_seq.ref_id 
_struct_ref_seq.pdbx_PDB_id_code 
_struct_ref_seq.pdbx_strand_id 
_struct_ref_seq.seq_align_beg 
_struct_ref_seq.pdbx_seq_align_beg_ins_code 
_struct_ref_seq.seq_align_end 
_struct_ref_seq.pdbx_seq_align_end_ins_code 
_struct_ref_seq.pdbx_db_accession 
_struct_ref_seq.db_align_beg 
_struct_ref_seq.pdbx_db_align_beg_ins_code 
_struct_ref_seq.db_align_end 
_struct_ref_seq.pdbx_db_align_end_ins_code 
_struct_ref_seq.pdbx_auth_seq_align_beg 
_struct_ref_seq.pdbx_auth_seq_align_end 
1 1 9DYW A 1 ? 6 ? 9DYW 1 ? 6 ? 1 6 
2 1 9DYW B 1 ? 6 ? 9DYW 1 ? 6 ? 1 6 
# 
loop_
_pdbx_struct_assembly.id 
_pdbx_struct_assembly.details 
_pdbx_struct_assembly.method_details 
_pdbx_struct_assembly.oligomeric_details 
_pdbx_struct_assembly.oligomeric_count 
1 author_defined_assembly ? tetrameric 4 
2 author_defined_assembly ? tetrameric 4 
# 
loop_
_pdbx_struct_assembly_gen.assembly_id 
_pdbx_struct_assembly_gen.oper_expression 
_pdbx_struct_assembly_gen.asym_id_list 
1 1 A,C 
1 2 A,C 
1 3 A,C 
1 4 A,C 
2 1 B,D 
2 2 B,D 
2 3 B,D 
2 4 B,D 
# 
loop_
_pdbx_struct_assembly_auth_evidence.id 
_pdbx_struct_assembly_auth_evidence.assembly_id 
_pdbx_struct_assembly_auth_evidence.experimental_support 
_pdbx_struct_assembly_auth_evidence.details 
1 1 none ? 
2 2 none ? 
# 
loop_
_pdbx_struct_oper_list.id 
_pdbx_struct_oper_list.type 
_pdbx_struct_oper_list.name 
_pdbx_struct_oper_list.symmetry_operation 
_pdbx_struct_oper_list.matrix[1][1] 
_pdbx_struct_oper_list.matrix[1][2] 
_pdbx_struct_oper_list.matrix[1][3] 
_pdbx_struct_oper_list.vector[1] 
_pdbx_struct_oper_list.matrix[2][1] 
_pdbx_struct_oper_list.matrix[2][2] 
_pdbx_struct_oper_list.matrix[2][3] 
_pdbx_struct_oper_list.vector[2] 
_pdbx_struct_oper_list.matrix[3][1] 
_pdbx_struct_oper_list.matrix[3][2] 
_pdbx_struct_oper_list.matrix[3][3] 
_pdbx_struct_oper_list.vector[3] 
1 'identity operation'         1_555 x,y,z   1.0000000000 0.0000000000 0.0000000000 0.0000000000   0.0000000000 1.0000000000 0.0000000000 0.0000000000  0.0000000000 0.0000000000 1.0000000000 0.0000000000  
2 'crystal symmetry operation' 1_545 x,y-1,z 1.0000000000 0.0000000000 0.0000000000 13.9372633124  0.0000000000 1.0000000000 0.0000000000 6.3100944334  0.0000000000 0.0000000000 1.0000000000 -2.4239429862 
3 'crystal symmetry operation' 1_565 x,y+1,z 1.0000000000 0.0000000000 0.0000000000 -13.9372633124 0.0000000000 1.0000000000 0.0000000000 -6.3100944334 0.0000000000 0.0000000000 1.0000000000 2.4239429862  
4 'crystal symmetry operation' 1_535 x,y-2,z 1.0000000000 0.0000000000 0.0000000000 27.8745266250  0.0000000000 1.0000000000 0.0000000000 12.6201888667 0.0000000000 0.0000000000 1.0000000000 -4.8478859725 
# 
_pdbx_entry_details.entry_id                   9DYW 
_pdbx_entry_details.compound_details           ? 
_pdbx_entry_details.source_details             ? 
_pdbx_entry_details.nonpolymer_details         ? 
_pdbx_entry_details.sequence_details           ? 
_pdbx_entry_details.has_ligand_of_interest     ? 
_pdbx_entry_details.has_protein_modification   N 
# 
loop_
_chem_comp_atom.comp_id 
_chem_comp_atom.atom_id 
_chem_comp_atom.type_symbol 
_chem_comp_atom.pdbx_aromatic_flag 
_chem_comp_atom.pdbx_stereo_config 
_chem_comp_atom.pdbx_ordinal 
GLY N    N N N 1  
GLY CA   C N N 2  
GLY C    C N N 3  
GLY O    O N N 4  
GLY OXT  O N N 5  
GLY H    H N N 6  
GLY H2   H N N 7  
GLY HA2  H N N 8  
GLY HA3  H N N 9  
GLY HXT  H N N 10 
HOH O    O N N 11 
HOH H1   H N N 12 
HOH H2   H N N 13 
VAL N    N N N 14 
VAL CA   C N S 15 
VAL C    C N N 16 
VAL O    O N N 17 
VAL CB   C N N 18 
VAL CG1  C N N 19 
VAL CG2  C N N 20 
VAL OXT  O N N 21 
VAL H    H N N 22 
VAL H2   H N N 23 
VAL HA   H N N 24 
VAL HB   H N N 25 
VAL HG11 H N N 26 
VAL HG12 H N N 27 
VAL HG13 H N N 28 
VAL HG21 H N N 29 
VAL HG22 H N N 30 
VAL HG23 H N N 31 
VAL HXT  H N N 32 
# 
loop_
_chem_comp_bond.comp_id 
_chem_comp_bond.atom_id_1 
_chem_comp_bond.atom_id_2 
_chem_comp_bond.value_order 
_chem_comp_bond.pdbx_aromatic_flag 
_chem_comp_bond.pdbx_stereo_config 
_chem_comp_bond.pdbx_ordinal 
GLY N   CA   sing N N 1  
GLY N   H    sing N N 2  
GLY N   H2   sing N N 3  
GLY CA  C    sing N N 4  
GLY CA  HA2  sing N N 5  
GLY CA  HA3  sing N N 6  
GLY C   O    doub N N 7  
GLY C   OXT  sing N N 8  
GLY OXT HXT  sing N N 9  
HOH O   H1   sing N N 10 
HOH O   H2   sing N N 11 
VAL N   CA   sing N N 12 
VAL N   H    sing N N 13 
VAL N   H2   sing N N 14 
VAL CA  C    sing N N 15 
VAL CA  CB   sing N N 16 
VAL CA  HA   sing N N 17 
VAL C   O    doub N N 18 
VAL C   OXT  sing N N 19 
VAL CB  CG1  sing N N 20 
VAL CB  CG2  sing N N 21 
VAL CB  HB   sing N N 22 
VAL CG1 HG11 sing N N 23 
VAL CG1 HG12 sing N N 24 
VAL CG1 HG13 sing N N 25 
VAL CG2 HG21 sing N N 26 
VAL CG2 HG22 sing N N 27 
VAL CG2 HG23 sing N N 28 
VAL OXT HXT  sing N N 29 
# 
loop_
_pdbx_audit_support.funding_organization 
_pdbx_audit_support.country 
_pdbx_audit_support.grant_number 
_pdbx_audit_support.ordinal 
'National Institutes of Health/National Institute on Aging (NIH/NIA)' 'United States' R01AG070895 1 
'National Institutes of Health/National Institute on Aging (NIH/NIA)' 'United States' R01AG048120 2 
'National Institutes of Health/National Institute on Aging (NIH/NIA)' 'United States' R01AG074954 3 
# 
_atom_sites.entry_id                    9DYW 
_atom_sites.Cartn_transf_matrix[1][1]   ? 
_atom_sites.Cartn_transf_matrix[1][2]   ? 
_atom_sites.Cartn_transf_matrix[1][3]   ? 
_atom_sites.Cartn_transf_matrix[2][1]   ? 
_atom_sites.Cartn_transf_matrix[2][2]   ? 
_atom_sites.Cartn_transf_matrix[2][3]   ? 
_atom_sites.Cartn_transf_matrix[3][1]   ? 
_atom_sites.Cartn_transf_matrix[3][2]   ? 
_atom_sites.Cartn_transf_matrix[3][3]   ? 
_atom_sites.Cartn_transf_vector[1]      ? 
_atom_sites.Cartn_transf_vector[2]      ? 
_atom_sites.Cartn_transf_vector[3]      ? 
_atom_sites.Cartn_transform_axes        ? 
_atom_sites.fract_transf_matrix[1][1]   0.01151257 
_atom_sites.fract_transf_matrix[1][2]   -0.03520414 
_atom_sites.fract_transf_matrix[1][3]   -0.02545039 
_atom_sites.fract_transf_matrix[2][1]   -0.05346103 
_atom_sites.fract_transf_matrix[2][2]   -0.03952457 
_atom_sites.fract_transf_matrix[2][3]   0.00226846 
_atom_sites.fract_transf_matrix[3][1]   -0.03593684 
_atom_sites.fract_transf_matrix[3][2]   0.04570981 
_atom_sites.fract_transf_matrix[3][3]   -0.08763735 
_atom_sites.fract_transf_vector[1]      0.014057 
_atom_sites.fract_transf_vector[2]      0.226630 
_atom_sites.fract_transf_vector[3]      0.480466 
_atom_sites.solution_primary            ? 
_atom_sites.solution_secondary          ? 
_atom_sites.solution_hydrogens          ? 
_atom_sites.special_details             ? 
# 
loop_
_atom_type.symbol 
_atom_type.pdbx_scat_Z 
_atom_type.pdbx_N_electrons 
_atom_type.scat_Cromer_Mann_a1 
_atom_type.scat_Cromer_Mann_b1 
_atom_type.scat_Cromer_Mann_a2 
_atom_type.scat_Cromer_Mann_b2 
_atom_type.scat_Cromer_Mann_a3 
_atom_type.scat_Cromer_Mann_b3 
_atom_type.scat_Cromer_Mann_a4 
_atom_type.scat_Cromer_Mann_b4 
C 6 6 2.310  20.844 1.020 10.208 1.589 0.569  0.865 51.651 
H 1 1 0.493  10.511 0.323 26.126 0.140 3.142  0.041 57.800 
N 7 7 12.222 0.006  3.135 9.893  2.014 28.997 1.167 0.583  
O 8 8 3.049  13.277 2.287 5.701  1.546 0.324  0.867 32.909 
# 
loop_
_atom_site.group_PDB 
_atom_site.id 
_atom_site.type_symbol 
_atom_site.label_atom_id 
_atom_site.label_alt_id 
_atom_site.label_comp_id 
_atom_site.label_asym_id 
_atom_site.label_entity_id 
_atom_site.label_seq_id 
_atom_site.pdbx_PDB_ins_code 
_atom_site.Cartn_x 
_atom_site.Cartn_y 
_atom_site.Cartn_z 
_atom_site.occupancy 
_atom_site.B_iso_or_equiv 
_atom_site.pdbx_formal_charge 
_atom_site.auth_seq_id 
_atom_site.auth_comp_id 
_atom_site.auth_asym_id 
_atom_site.auth_atom_id 
_atom_site.pdbx_PDB_model_num 
_atom_site.calc_flag 
ATOM   1   N N    . VAL A 1 1 ? 6.652   -7.139  -2.853 1.000 5.569  0 1   VAL A N    1 ? 
ATOM   2   C CA   . VAL A 1 1 ? 5.694   -6.000  -2.742 1.000 5.192  0 1   VAL A CA   1 ? 
ATOM   3   C C    . VAL A 1 1 ? 6.096   -5.200  -1.513 1.000 5.813  0 1   VAL A C    1 ? 
ATOM   4   O O    . VAL A 1 1 ? 6.771   -5.737  -0.621 1.000 7.168  0 1   VAL A O    1 ? 
ATOM   5   C CB   . VAL A 1 1 ? 4.235   -6.450  -2.647 1.000 5.723  0 1   VAL A CB   1 ? 
ATOM   6   C CG1  . VAL A 1 1 ? 3.702   -6.889  -4.002 1.000 6.123  0 1   VAL A CG1  1 ? 
ATOM   7   C CG2  . VAL A 1 1 ? 4.032   -7.523  -1.587 1.000 6.672  0 1   VAL A CG2  1 ? 
ATOM   8   H H1   . VAL A 1 1 ? 6.284   -7.807  -3.381 1.000 5.564  0 1   VAL A H1   1 c 
ATOM   9   H H2   . VAL A 1 1 ? 6.846   -7.496  -1.962 1.000 5.559  0 1   VAL A H2   1 c 
ATOM   10  H H3   . VAL A 1 1 ? 7.481   -6.817  -3.264 1.000 5.507  0 1   VAL A H3   1 c 
ATOM   11  H HA   . VAL A 1 1 ? 5.795   -5.438  -3.530 1.000 5.318  0 1   VAL A HA   1 c 
ATOM   12  H HB   . VAL A 1 1 ? 3.709   -5.659  -2.372 1.000 5.748  0 1   VAL A HB   1 c 
ATOM   13  H HG11 . VAL A 1 1 ? 3.554   -6.101  -4.562 1.000 6.151  0 1   VAL A HG11 1 c 
ATOM   14  H HG12 . VAL A 1 1 ? 2.858   -7.366  -3.881 1.000 6.034  0 1   VAL A HG12 1 c 
ATOM   15  H HG13 . VAL A 1 1 ? 4.350   -7.478  -4.433 1.000 6.049  0 1   VAL A HG13 1 c 
ATOM   16  H HG21 . VAL A 1 1 ? 4.599   -8.289  -1.784 1.000 6.495  0 1   VAL A HG21 1 c 
ATOM   17  H HG22 . VAL A 1 1 ? 3.101   -7.803  -1.582 1.000 6.455  0 1   VAL A HG22 1 c 
ATOM   18  H HG23 . VAL A 1 1 ? 4.265   -7.166  -0.712 1.000 6.538  0 1   VAL A HG23 1 c 
ATOM   19  N N    . VAL A 1 2 ? 5.653   -3.954  -1.470 1.000 6.072  0 2   VAL A N    1 ? 
ATOM   20  C CA   A VAL A 1 2 ? 5.914   -3.085  -0.298 0.500 6.368  0 2   VAL A CA   1 ? 
ATOM   21  C CA   B VAL A 1 2 ? 5.893   -3.075  -0.306 0.500 6.394  0 2   VAL A CA   1 ? 
ATOM   22  C C    . VAL A 1 2 ? 4.629   -2.304  0.016  1.000 6.022  0 2   VAL A C    1 ? 
ATOM   23  O O    . VAL A 1 2 ? 3.882   -1.924  -0.903 1.000 7.610  0 2   VAL A O    1 ? 
ATOM   24  C CB   A VAL A 1 2 ? 7.151   -2.187  -0.540 0.500 7.339  0 2   VAL A CB   1 ? 
ATOM   25  C CB   B VAL A 1 2 ? 7.033   -2.083  -0.553 0.500 7.322  0 2   VAL A CB   1 ? 
ATOM   26  C CG1  A VAL A 1 2 ? 6.889   -1.114  -1.585 0.500 7.281  0 2   VAL A CG1  1 ? 
ATOM   27  C CG1  B VAL A 1 2 ? 8.339   -2.812  -0.514 0.500 7.568  0 2   VAL A CG1  1 ? 
ATOM   28  C CG2  A VAL A 1 2 ? 7.724   -1.544  0.721  0.500 7.088  0 2   VAL A CG2  1 ? 
ATOM   29  C CG2  B VAL A 1 2 ? 6.891   -1.318  -1.864 0.500 7.293  0 2   VAL A CG2  1 ? 
ATOM   30  H H    . VAL A 1 2 ? 5.168   -3.547  -2.134 1.000 6.061  0 2   VAL A H    1 c 
ATOM   31  H HA   A VAL A 1 2 ? 6.109   -3.658  0.463  0.500 6.364  0 2   VAL A HA   1 c 
ATOM   32  H HA   B VAL A 1 2 ? 6.122   -3.629  0.461  0.500 6.381  0 2   VAL A HA   1 c 
ATOM   33  H HB   A VAL A 1 2 ? 7.858   -2.775  -0.905 0.500 7.181  0 2   VAL A HB   1 c 
ATOM   34  H HB   B VAL A 1 2 ? 7.026   -1.425  0.186  0.500 7.149  0 2   VAL A HB   1 c 
ATOM   35  H HG11 A VAL A 1 2 ? 6.327   -1.482  -2.296 0.500 7.255  0 2   VAL A HG11 1 c 
ATOM   36  H HG11 B VAL A 1 2 ? 8.417   -3.293  0.329  0.500 7.495  0 2   VAL A HG11 1 c 
ATOM   37  H HG12 A VAL A 1 2 ? 7.740   -0.813  -1.963 0.500 7.241  0 2   VAL A HG12 1 c 
ATOM   38  H HG12 B VAL A 1 2 ? 9.071   -2.174  -0.592 0.500 7.539  0 2   VAL A HG12 1 c 
ATOM   39  H HG13 A VAL A 1 2 ? 6.431   -0.357  -1.166 0.500 7.295  0 2   VAL A HG13 1 c 
ATOM   40  H HG13 B VAL A 1 2 ? 8.381   -3.445  -1.251 0.500 7.568  0 2   VAL A HG13 1 c 
ATOM   41  H HG21 A VAL A 1 2 ? 7.018   -1.072  1.195  0.500 7.108  0 2   VAL A HG21 1 c 
ATOM   42  H HG21 B VAL A 1 2 ? 6.851   -1.947  -2.605 0.500 7.294  0 2   VAL A HG21 1 c 
ATOM   43  H HG22 A VAL A 1 2 ? 8.426   -0.916  0.475  0.500 7.126  0 2   VAL A HG22 1 c 
ATOM   44  H HG22 B VAL A 1 2 ? 7.657   -0.730  -1.980 0.500 7.250  0 2   VAL A HG22 1 c 
ATOM   45  H HG23 A VAL A 1 2 ? 8.095   -2.235  1.298  0.500 7.132  0 2   VAL A HG23 1 c 
ATOM   46  H HG23 B VAL A 1 2 ? 6.076   -0.786  -1.845 0.500 7.275  0 2   VAL A HG23 1 c 
ATOM   47  N N    . GLY A 1 3 ? 4.435   -2.032  1.292  1.000 5.876  0 3   GLY A N    1 ? 
ATOM   48  C CA   . GLY A 1 3 ? 3.345   -1.161  1.722  1.000 6.262  0 3   GLY A CA   1 ? 
ATOM   49  C C    . GLY A 1 3 ? 3.659   0.289   1.425  1.000 6.236  0 3   GLY A C    1 ? 
ATOM   50  O O    . GLY A 1 3 ? 4.815   0.680   1.388  1.000 10.356 0 3   GLY A O    1 ? 
ATOM   51  H H    . GLY A 1 3 ? 4.964   -2.367  1.964  1.000 5.899  0 3   GLY A H    1 c 
ATOM   52  H HA2  . GLY A 1 3 ? 2.514   -1.423  1.255  1.000 6.153  0 3   GLY A HA2  1 c 
ATOM   53  H HA3  . GLY A 1 3 ? 3.207   -1.276  2.694  1.000 6.243  0 3   GLY A HA3  1 c 
ATOM   54  N N    . GLY A 1 4 ? 2.606   1.075   1.293  1.000 6.290  0 4   GLY A N    1 ? 
ATOM   55  C CA   . GLY A 1 4 ? 2.712   2.526   1.199  1.000 6.354  0 4   GLY A CA   1 ? 
ATOM   56  C C    . GLY A 1 4 ? 2.884   3.159   2.563  1.000 5.740  0 4   GLY A C    1 ? 
ATOM   57  O O    . GLY A 1 4 ? 3.066   2.458   3.575  1.000 6.428  0 4   GLY A O    1 ? 
ATOM   58  H H    . GLY A 1 4 ? 1.750   0.748   1.252  1.000 6.215  0 4   GLY A H    1 c 
ATOM   59  H HA2  . GLY A 1 4 ? 3.485   2.759   0.628  1.000 6.323  0 4   GLY A HA2  1 c 
ATOM   60  H HA3  . GLY A 1 4 ? 1.894   2.883   0.773  1.000 6.358  0 4   GLY A HA3  1 c 
ATOM   61  N N    . VAL A 1 5 ? 2.777   4.479   2.579  1.000 5.819  0 5   VAL A N    1 ? 
ATOM   62  C CA   . VAL A 1 5 ? 2.989   5.252   3.817  1.000 5.540  0 5   VAL A CA   1 ? 
ATOM   63  C C    . VAL A 1 5 ? 1.859   6.262   3.972  1.000 5.266  0 5   VAL A C    1 ? 
ATOM   64  O O    . VAL A 1 5 ? 1.327   6.784   2.979  1.000 5.841  0 5   VAL A O    1 ? 
ATOM   65  C CB   . VAL A 1 5 ? 4.358   5.944   3.842  1.000 6.251  0 5   VAL A CB   1 ? 
ATOM   66  C CG1  . VAL A 1 5 ? 5.496   4.926   3.904  1.000 7.099  0 5   VAL A CG1  1 ? 
ATOM   67  C CG2  . VAL A 1 5 ? 4.545   6.877   2.650  1.000 6.498  0 5   VAL A CG2  1 ? 
ATOM   68  H H    . VAL A 1 5 ? 2.562   4.979   1.840  1.000 5.743  0 5   VAL A H    1 c 
ATOM   69  H HA   . VAL A 1 5 ? 2.949   4.636   4.569  1.000 5.613  0 5   VAL A HA   1 c 
ATOM   70  H HB   . VAL A 1 5 ? 4.397   6.493   4.664  1.000 6.220  0 5   VAL A HB   1 c 
ATOM   71  H HG11 . VAL A 1 5 ? 5.365   4.338   4.668  1.000 7.007  0 5   VAL A HG11 1 c 
ATOM   72  H HG12 . VAL A 1 5 ? 6.345   5.393   3.998  1.000 6.883  0 5   VAL A HG12 1 c 
ATOM   73  H HG13 . VAL A 1 5 ? 5.505   4.399   3.087  1.000 6.950  0 5   VAL A HG13 1 c 
ATOM   74  H HG21 . VAL A 1 5 ? 4.426   6.379   1.824  1.000 6.479  0 5   VAL A HG21 1 c 
ATOM   75  H HG22 . VAL A 1 5 ? 5.441   7.255   2.673  1.000 6.415  0 5   VAL A HG22 1 c 
ATOM   76  H HG23 . VAL A 1 5 ? 3.891   7.596   2.692  1.000 6.442  0 5   VAL A HG23 1 c 
ATOM   77  N N    . VAL A 1 6 ? 1.569   6.566   5.229  1.000 5.357  0 6   VAL A N    1 ? 
ATOM   78  C CA   . VAL A 1 6 ? 0.632   7.649   5.602  1.000 5.971  0 6   VAL A CA   1 ? 
ATOM   79  C C    . VAL A 1 6 ? 1.314   8.566   6.622  1.000 7.336  0 6   VAL A C    1 ? 
ATOM   80  O O    . VAL A 1 6 ? 2.317   8.143   7.253  1.000 8.095  0 6   VAL A O    1 ? 
ATOM   81  C CB   . VAL A 1 6 ? -0.708  7.113   6.135  1.000 8.249  0 6   VAL A CB   1 ? 
ATOM   82  C CG1  . VAL A 1 6 ? -1.340  6.182   5.126  1.000 9.808  0 6   VAL A CG1  1 ? 
ATOM   83  C CG2  . VAL A 1 6 ? -0.563  6.483   7.501  1.000 9.983  0 6   VAL A CG2  1 ? 
ATOM   84  O OXT  . VAL A 1 6 ? 0.836   9.706   6.789  1.000 10.496 0 6   VAL A OXT  1 ? 
ATOM   85  H H    . VAL A 1 6 ? 1.935   6.123   5.945  1.000 5.487  0 6   VAL A H    1 c 
ATOM   86  H HA   . VAL A 1 6 ? 0.448   8.177   4.804  1.000 6.238  0 6   VAL A HA   1 c 
ATOM   87  H HB   . VAL A 1 6 ? -1.310  7.891   6.233  1.000 8.164  0 6   VAL A HB   1 c 
ATOM   88  H HG11 . VAL A 1 6 ? -1.296  6.585   4.239  1.000 9.676  0 6   VAL A HG11 1 c 
ATOM   89  H HG12 . VAL A 1 6 ? -2.274  6.027   5.367  1.000 9.532  0 6   VAL A HG12 1 c 
ATOM   90  H HG13 . VAL A 1 6 ? -0.861  5.333   5.122  1.000 9.309  0 6   VAL A HG13 1 c 
ATOM   91  H HG21 . VAL A 1 6 ? 0.234   5.910   7.514  1.000 9.200  0 6   VAL A HG21 1 c 
ATOM   92  H HG22 . VAL A 1 6 ? -1.358  5.943   7.693  1.000 9.471  0 6   VAL A HG22 1 c 
ATOM   93  H HG23 . VAL A 1 6 ? -0.474  7.186   8.178  1.000 9.752  0 6   VAL A HG23 1 c 
ATOM   94  N N    . VAL B 1 1 ? -6.690  6.725   4.096  1.000 6.465  0 1   VAL B N    1 ? 
ATOM   95  C CA   . VAL B 1 1 ? -6.609  6.225   2.717  1.000 6.133  0 1   VAL B CA   1 ? 
ATOM   96  C C    . VAL B 1 1 ? -6.702  4.704   2.740  1.000 5.892  0 1   VAL B C    1 ? 
ATOM   97  O O    . VAL B 1 1 ? -6.394  4.059   3.749  1.000 6.854  0 1   VAL B O    1 ? 
ATOM   98  C CB   . VAL B 1 1 ? -5.311  6.639   2.022  1.000 7.160  0 1   VAL B CB   1 ? 
ATOM   99  C CG1  . VAL B 1 1 ? -5.324  8.114   1.696  1.000 8.109  0 1   VAL B CG1  1 ? 
ATOM   100 C CG2  . VAL B 1 1 ? -4.088  6.260   2.838  1.000 7.704  0 1   VAL B CG2  1 ? 
ATOM   101 H H1   . VAL B 1 1 ? -6.291  7.556   4.151  1.000 6.446  0 1   VAL B H1   1 c 
ATOM   102 H H2   . VAL B 1 1 ? -6.234  6.106   4.695  1.000 6.419  0 1   VAL B H2   1 c 
ATOM   103 H H3   . VAL B 1 1 ? -7.626  6.796   4.352  1.000 6.489  0 1   VAL B H3   1 c 
ATOM   104 H HA   . VAL B 1 1 ? -7.363  6.579   2.214  1.000 6.232  0 1   VAL B HA   1 c 
ATOM   105 H HB   . VAL B 1 1 ? -5.266  6.146   1.165  1.000 7.164  0 1   VAL B HB   1 c 
ATOM   106 H HG11 . VAL B 1 1 ? -6.265  8.392   1.497  1.000 7.833  0 1   VAL B HG11 1 c 
ATOM   107 H HG12 . VAL B 1 1 ? -4.742  8.267   0.892  1.000 7.993  0 1   VAL B HG12 1 c 
ATOM   108 H HG13 . VAL B 1 1 ? -4.968  8.619   2.484  1.000 7.942  0 1   VAL B HG13 1 c 
ATOM   109 H HG21 . VAL B 1 1 ? -4.124  6.704   3.703  1.000 7.553  0 1   VAL B HG21 1 c 
ATOM   110 H HG22 . VAL B 1 1 ? -3.285  6.538   2.366  1.000 7.539  0 1   VAL B HG22 1 c 
ATOM   111 H HG23 . VAL B 1 1 ? -4.069  5.296   2.970  1.000 7.698  0 1   VAL B HG23 1 c 
ATOM   112 N N    . VAL B 1 2 ? -7.137  4.164   1.615  1.000 5.773  0 2   VAL B N    1 ? 
ATOM   113 C CA   . VAL B 1 2 ? -7.143  2.723   1.320  1.000 5.373  0 2   VAL B CA   1 ? 
ATOM   114 C C    . VAL B 1 2 ? -6.006  2.456   0.355  1.000 4.805  0 2   VAL B C    1 ? 
ATOM   115 O O    . VAL B 1 2 ? -5.950  3.060   -0.723 1.000 5.342  0 2   VAL B O    1 ? 
ATOM   116 C CB   . VAL B 1 2 ? -8.488  2.333   0.722  1.000 5.990  0 2   VAL B CB   1 ? 
ATOM   117 C CG1  . VAL B 1 2 ? -8.497  0.888   0.244  1.000 6.418  0 2   VAL B CG1  1 ? 
ATOM   118 C CG2  . VAL B 1 2 ? -9.589  2.606   1.735  1.000 7.537  0 2   VAL B CG2  1 ? 
ATOM   119 H H    . VAL B 1 2 ? -7.469  4.677   0.929  1.000 5.660  0 2   VAL B H    1 c 
ATOM   120 H HA   . VAL B 1 2 ? -6.996  2.224   2.143  1.000 5.425  0 2   VAL B HA   1 c 
ATOM   121 H HB   . VAL B 1 2 ? -8.646  2.914   -0.063 1.000 6.137  0 2   VAL B HB   1 c 
ATOM   122 H HG11 . VAL B 1 2 ? -8.085  0.836   -0.644 1.000 6.360  0 2   VAL B HG11 1 c 
ATOM   123 H HG12 . VAL B 1 2 ? -9.422  0.567   0.193  1.000 6.307  0 2   VAL B HG12 1 c 
ATOM   124 H HG13 . VAL B 1 2 ? -7.991  0.334   0.874  1.000 6.354  0 2   VAL B HG13 1 c 
ATOM   125 H HG21 . VAL B 1 2 ? -9.349  2.207   2.591  1.000 7.138  0 2   VAL B HG21 1 c 
ATOM   126 H HG22 . VAL B 1 2 ? -10.425 2.219   1.419  1.000 7.292  0 2   VAL B HG22 1 c 
ATOM   127 H HG23 . VAL B 1 2 ? -9.698  3.567   1.844  1.000 7.206  0 2   VAL B HG23 1 c 
ATOM   128 N N    . GLY B 1 3 ? -5.102  1.569   0.758  1.000 4.973  0 3   GLY B N    1 ? 
ATOM   129 C CA   . GLY B 1 3 ? -3.931  1.235   -0.052 1.000 5.452  0 3   GLY B CA   1 ? 
ATOM   130 C C    . GLY B 1 3 ? -4.256  0.288   -1.190 1.000 5.148  0 3   GLY B C    1 ? 
ATOM   131 O O    . GLY B 1 3 ? -5.345  -0.294  -1.255 1.000 6.179  0 3   GLY B O    1 ? 
ATOM   132 H H    . GLY B 1 3 ? -5.166  1.123   1.557  1.000 5.019  0 3   GLY B H    1 c 
ATOM   133 H HA2  . GLY B 1 3 ? -3.548  2.070   -0.422 1.000 5.431  0 3   GLY B HA2  1 c 
ATOM   134 H HA3  . GLY B 1 3 ? -3.249  0.822   0.531  1.000 5.400  0 3   GLY B HA3  1 c 
ATOM   135 N N    . GLY B 1 4 ? -3.277  0.085   -2.052 1.000 5.227  0 4   GLY B N    1 ? 
ATOM   136 C CA   . GLY B 1 4 ? -3.473  -0.813  -3.177 1.000 5.250  0 4   GLY B CA   1 ? 
ATOM   137 C C    . GLY B 1 4 ? -3.384  -2.276  -2.771 1.000 4.928  0 4   GLY B C    1 ? 
ATOM   138 O O    . GLY B 1 4 ? -2.821  -2.642  -1.740 1.000 5.268  0 4   GLY B O    1 ? 
ATOM   139 H H    . GLY B 1 4 ? -2.455  0.486   -1.987 1.000 5.100  0 4   GLY B H    1 c 
ATOM   140 H HA2  . GLY B 1 4 ? -4.358  -0.638  -3.579 1.000 5.322  0 4   GLY B HA2  1 c 
ATOM   141 H HA3  . GLY B 1 4 ? -2.783  -0.623  -3.861 1.000 5.203  0 4   GLY B HA3  1 c 
ATOM   142 N N    . VAL B 1 5 ? -3.921  -3.099  -3.659 1.000 4.718  0 5   VAL B N    1 ? 
ATOM   143 C CA   . VAL B 1 5 ? -3.754  -4.569  -3.606 1.000 5.308  0 5   VAL B CA   1 ? 
ATOM   144 C C    . VAL B 1 5 ? -3.264  -5.038  -4.970 1.000 5.935  0 5   VAL B C    1 ? 
ATOM   145 O O    . VAL B 1 5 ? -3.548  -4.403  -5.996 1.000 6.869  0 5   VAL B O    1 ? 
ATOM   146 C CB   . VAL B 1 5 ? -5.050  -5.307  -3.225 1.000 6.121  0 5   VAL B CB   1 ? 
ATOM   147 C CG1  . VAL B 1 5 ? -5.486  -4.965  -1.816 1.000 7.038  0 5   VAL B CG1  1 ? 
ATOM   148 C CG2  . VAL B 1 5 ? -6.168  -5.038  -4.225 1.000 7.200  0 5   VAL B CG2  1 ? 
ATOM   149 H H    . VAL B 1 5 ? -4.423  -2.802  -4.367 1.000 4.949  0 5   VAL B H    1 c 
ATOM   150 H HA   . VAL B 1 5 ? -3.072  -4.780  -2.944 1.000 5.354  0 5   VAL B HA   1 c 
ATOM   151 H HB   . VAL B 1 5 ? -4.854  -6.276  -3.251 1.000 6.146  0 5   VAL B HB   1 c 
ATOM   152 H HG11 . VAL B 1 5 ? -4.801  -5.248  -1.186 1.000 6.871  0 5   VAL B HG11 1 c 
ATOM   153 H HG12 . VAL B 1 5 ? -6.320  -5.424  -1.613 1.000 6.844  0 5   VAL B HG12 1 c 
ATOM   154 H HG13 . VAL B 1 5 ? -5.618  -4.005  -1.739 1.000 6.926  0 5   VAL B HG13 1 c 
ATOM   155 H HG21 . VAL B 1 5 ? -6.299  -4.078  -4.319 1.000 7.024  0 5   VAL B HG21 1 c 
ATOM   156 H HG22 . VAL B 1 5 ? -6.992  -5.445  -3.907 1.000 6.990  0 5   VAL B HG22 1 c 
ATOM   157 H HG23 . VAL B 1 5 ? -5.934  -5.418  -5.090 1.000 6.992  0 5   VAL B HG23 1 c 
ATOM   158 N N    . VAL B 1 6 ? -2.598  -6.171  -4.955 1.000 6.015  0 6   VAL B N    1 ? 
ATOM   159 C CA   . VAL B 1 6 ? -2.271  -6.907  -6.195 1.000 6.094  0 6   VAL B CA   1 ? 
ATOM   160 C C    . VAL B 1 6 ? -2.752  -8.354  -6.070 1.000 6.236  0 6   VAL B C    1 ? 
ATOM   161 O O    . VAL B 1 6 ? -2.877  -8.956  -7.160 1.000 7.040  0 6   VAL B O    1 ? 
ATOM   162 C CB   . VAL B 1 6 ? -0.776  -6.837  -6.540 1.000 6.744  0 6   VAL B CB   1 ? 
ATOM   163 C CG1  . VAL B 1 6 ? -0.331  -5.407  -6.722 1.000 8.518  0 6   VAL B CG1  1 ? 
ATOM   164 C CG2  . VAL B 1 6 ? 0.087   -7.567  -5.512 1.000 7.389  0 6   VAL B CG2  1 ? 
ATOM   165 O OXT  . VAL B 1 6 ? -2.990  -8.837  -4.950 1.000 6.324  0 6   VAL B OXT  1 ? 
ATOM   166 H H    . VAL B 1 6 ? -2.305  -6.572  -4.184 1.000 5.928  0 6   VAL B H    1 c 
ATOM   167 H HA   . VAL B 1 6 ? -2.763  -6.494  -6.926 1.000 6.232  0 6   VAL B HA   1 c 
ATOM   168 H HB   . VAL B 1 6 ? -0.655  -7.298  -7.407 1.000 6.821  0 6   VAL B HB   1 c 
ATOM   169 H HG11 . VAL B 1 6 ? -0.944  -4.950  -7.327 1.000 8.226  0 6   VAL B HG11 1 c 
ATOM   170 H HG12 . VAL B 1 6 ? 0.567   -5.391  -7.100 1.000 8.187  0 6   VAL B HG12 1 c 
ATOM   171 H HG13 . VAL B 1 6 ? -0.328  -4.955  -5.860 1.000 8.167  0 6   VAL B HG13 1 c 
ATOM   172 H HG21 . VAL B 1 6 ? -0.290  -7.437  -4.617 1.000 7.244  0 6   VAL B HG21 1 c 
ATOM   173 H HG22 . VAL B 1 6 ? 0.998   -7.208  -5.539 1.000 7.188  0 6   VAL B HG22 1 c 
ATOM   174 H HG23 . VAL B 1 6 ? 0.104   -8.524  -5.723 1.000 7.364  0 6   VAL B HG23 1 c 
HETATM 175 O O    . HOH C 2 . ? 8.458   -6.022  -4.544 1.000 11.958 0 101 HOH A O    1 ? 
HETATM 176 O O    A HOH C 2 . ? 0.068   -0.037  2.243  0.500 9.262  0 102 HOH A O    1 ? 
HETATM 177 O O    B HOH C 2 . ? 1.426   -0.159  3.911  0.250 4.897  0 102 HOH A O    1 ? 
HETATM 178 O O    C HOH C 2 . ? 0.109   0.820   0.505  0.250 7.609  0 102 HOH A O    1 ? 
HETATM 179 O O    . HOH C 2 . ? 0.833   -1.122  -0.923 0.500 13.121 0 103 HOH A O    1 ? 
HETATM 180 O O    . HOH D 2 . ? -4.022  -11.321 -4.907 1.000 12.804 0 101 HOH B O    1 ? 
HETATM 181 O O    . HOH D 2 . ? -2.754  -7.483  -9.436 1.000 9.705  0 102 HOH B O    1 ? 
HETATM 182 O O    A HOH D 2 . ? -1.355  1.958   -2.641 0.500 11.761 0 103 HOH B O    1 ? 
HETATM 183 O O    B HOH D 2 . ? -0.697  1.003   -1.653 0.500 15.147 0 104 HOH B O    1 ? 
HETATM 184 O O    . HOH D 2 . ? -9.464  6.665   4.172  1.000 9.192  0 105 HOH B O    1 ? 
HETATM 185 O O    . HOH D 2 . ? -7.092  -1.509  -3.065 1.000 8.501  0 106 HOH B O    1 ? 
HETATM 186 O O    . HOH D 2 . ? -1.791  -1.125  0.450  1.000 7.221  0 107 HOH B O    1 ? 
# 
loop_
_atom_site_anisotrop.id 
_atom_site_anisotrop.type_symbol 
_atom_site_anisotrop.pdbx_label_atom_id 
_atom_site_anisotrop.pdbx_label_alt_id 
_atom_site_anisotrop.pdbx_label_comp_id 
_atom_site_anisotrop.pdbx_label_asym_id 
_atom_site_anisotrop.pdbx_label_seq_id 
_atom_site_anisotrop.pdbx_PDB_ins_code 
_atom_site_anisotrop.U[1][1] 
_atom_site_anisotrop.U[2][2] 
_atom_site_anisotrop.U[3][3] 
_atom_site_anisotrop.U[1][2] 
_atom_site_anisotrop.U[1][3] 
_atom_site_anisotrop.U[2][3] 
_atom_site_anisotrop.pdbx_auth_seq_id 
_atom_site_anisotrop.pdbx_auth_comp_id 
_atom_site_anisotrop.pdbx_auth_asym_id 
_atom_site_anisotrop.pdbx_auth_atom_id 
1   N N    . VAL A 1 ? 0.0634 0.0716 0.0771 -0.0077 0.0005  -0.0042 1   VAL A N    
2   C CA   . VAL A 1 ? 0.0683 0.0509 0.0779 -0.0149 -0.0042 0.0065  1   VAL A CA   
3   C C    . VAL A 1 ? 0.0840 0.0605 0.0765 -0.0094 -0.0042 0.0024  1   VAL A C    
4   O O    . VAL A 1 ? 0.1121 0.0710 0.0899 0.0040  -0.0121 0.0053  1   VAL A O    
5   C CB   . VAL A 1 ? 0.0645 0.0623 0.0912 -0.0098 0.0054  0.0078  1   VAL A CB   
6   C CG1  . VAL A 1 ? 0.0610 0.0708 0.1012 -0.0109 0.0019  -0.0012 1   VAL A CG1  
7   C CG2  . VAL A 1 ? 0.0725 0.0812 0.1004 -0.0119 0.0156  0.0192  1   VAL A CG2  
8   H H1   . VAL A 1 ? 0.0661 0.0657 0.0793 -0.0094 -0.0002 -0.0002 1   VAL A H1   
9   H H2   . VAL A 1 ? 0.0662 0.0659 0.0800 -0.0096 0.0001  -0.0006 1   VAL A H2   
10  H H3   . VAL A 1 ? 0.0657 0.0650 0.0783 -0.0089 -0.0002 -0.0002 1   VAL A H3   
11  H HA   . VAL A 1 ? 0.0686 0.0574 0.0760 -0.0111 -0.0007 0.0062  1   VAL A HA   
12  H HB   . VAL A 1 ? 0.0656 0.0627 0.0896 -0.0097 0.0042  0.0070  1   VAL A HB   
13  H HG11 . VAL A 1 ? 0.0626 0.0728 0.0986 -0.0106 0.0032  -0.0007 1   VAL A HG11 
14  H HG12 . VAL A 1 ? 0.0632 0.0694 0.0974 -0.0107 0.0030  0.0014  1   VAL A HG12 
15  H HG13 . VAL A 1 ? 0.0632 0.0694 0.0974 -0.0107 0.0030  0.0014  1   VAL A HG13 
16  H HG21 . VAL A 1 ? 0.0725 0.0786 0.0959 -0.0124 0.0104  0.0145  1   VAL A HG21 
17  H HG22 . VAL A 1 ? 0.0724 0.0758 0.0968 -0.0103 0.0114  0.0145  1   VAL A HG22 
18  H HG23 . VAL A 1 ? 0.0705 0.0761 0.1014 -0.0100 0.0124  0.0166  1   VAL A HG23 
19  N N    . VAL A 2 ? 0.0882 0.0594 0.0834 -0.0103 -0.0192 0.0035  2   VAL A N    
20  C CA   A VAL A 2 ? 0.0966 0.0578 0.0866 -0.0104 -0.0201 0.0013  2   VAL A CA   
21  C CA   B VAL A 2 ? 0.0974 0.0605 0.0851 -0.0097 -0.0176 0.0010  2   VAL A CA   
22  C C    . VAL A 2 ? 0.0990 0.0545 0.0755 -0.0136 -0.0126 0.0030  2   VAL A C    
23  O O    . VAL A 2 ? 0.1379 0.0683 0.0828 0.0079  -0.0226 0.0045  2   VAL A O    
24  C CB   A VAL A 2 ? 0.1072 0.0722 0.0986 -0.0219 -0.0186 -0.0021 2   VAL A CB   
25  C CB   B VAL A 2 ? 0.1021 0.0769 0.0990 -0.0164 -0.0100 0.0033  2   VAL A CB   
26  C CG1  A VAL A 2 ? 0.1031 0.0783 0.0956 -0.0253 -0.0144 0.0007  2   VAL A CG1  
27  C CG1  B VAL A 2 ? 0.0963 0.0928 0.0979 -0.0150 -0.0122 0.0100  2   VAL A CG1  
28  C CG2  A VAL A 2 ? 0.0881 0.0749 0.1060 -0.0184 -0.0247 -0.0008 2   VAL A CG2  
29  C CG2  B VAL A 2 ? 0.0976 0.0783 0.1011 -0.0176 -0.0013 0.0067  2   VAL A CG2  
30  H H    . VAL A 2 ? 0.0890 0.0604 0.0805 -0.0091 -0.0158 0.0033  2   VAL A H    
31  H HA   A VAL A 2 ? 0.0958 0.0608 0.0844 -0.0118 -0.0165 0.0019  2   VAL A HA   
32  H HA   B VAL A 2 ? 0.0955 0.0622 0.0843 -0.0110 -0.0149 0.0030  2   VAL A HA   
33  H HB   A VAL A 2 ? 0.1018 0.0736 0.0976 -0.0197 -0.0190 0.0008  2   VAL A HB   
34  H HB   B VAL A 2 ? 0.0990 0.0773 0.0956 -0.0145 -0.0103 0.0041  2   VAL A HB   
35  H HG11 A VAL A 2 ? 0.1029 0.0763 0.0958 -0.0223 -0.0144 0.0005  2   VAL A HG11 
36  H HG11 B VAL A 2 ? 0.0976 0.0890 0.0974 -0.0145 -0.0112 0.0080  2   VAL A HG11 
37  H HG12 A VAL A 2 ? 0.1018 0.0774 0.0968 -0.0230 -0.0139 0.0009  2   VAL A HG12 
38  H HG12 B VAL A 2 ? 0.0984 0.0895 0.0981 -0.0142 -0.0109 0.0076  2   VAL A HG12 
39  H HG13 A VAL A 2 ? 0.1033 0.0769 0.0968 -0.0228 -0.0144 0.0005  2   VAL A HG13 
40  H HG13 B VAL A 2 ? 0.0977 0.0898 0.0995 -0.0148 -0.0105 0.0095  2   VAL A HG13 
41  H HG21 A VAL A 2 ? 0.0927 0.0744 0.1029 -0.0181 -0.0204 -0.0013 2   VAL A HG21 
42  H HG21 B VAL A 2 ? 0.0980 0.0783 0.1007 -0.0159 -0.0039 0.0064  2   VAL A HG21 
43  H HG22 A VAL A 2 ? 0.0929 0.0749 0.1032 -0.0184 -0.0206 -0.0009 2   VAL A HG22 
44  H HG22 B VAL A 2 ? 0.0979 0.0776 0.1005 -0.0177 -0.0038 0.0055  2   VAL A HG22 
45  H HG23 A VAL A 2 ? 0.0925 0.0741 0.1034 -0.0178 -0.0211 -0.0002 2   VAL A HG23 
46  H HG23 B VAL A 2 ? 0.0992 0.0774 0.1004 -0.0154 -0.0041 0.0057  2   VAL A HG23 
47  N N    . GLY A 3 ? 0.0874 0.0617 0.0749 -0.0146 -0.0126 0.0028  3   GLY A N    
48  C CA   . GLY A 3 ? 0.0794 0.0642 0.0944 -0.0225 -0.0048 -0.0015 3   GLY A CA   
49  C C    . GLY A 3 ? 0.0808 0.0630 0.0932 -0.0250 0.0056  -0.0115 3   GLY A C    
50  O O    . GLY A 3 ? 0.0871 0.0819 0.2240 -0.0293 0.0479  -0.0136 3   GLY A O    
51  H H    . GLY A 3 ? 0.0869 0.0607 0.0774 -0.0139 -0.0128 0.0031  3   GLY A H    
52  H HA2  . GLY A 3 ? 0.0813 0.0641 0.0886 -0.0195 -0.0045 -0.0023 3   GLY A HA2  
53  H HA3  . GLY A 3 ? 0.0806 0.0636 0.0928 -0.0199 -0.0043 -0.0024 3   GLY A HA3  
54  N N    . GLY A 4 ? 0.0817 0.0598 0.0975 -0.0257 -0.0072 -0.0027 4   GLY A N    
55  C CA   . GLY A 4 ? 0.0887 0.0594 0.0929 -0.0177 -0.0070 -0.0009 4   GLY A CA   
56  C C    . GLY A 4 ? 0.0688 0.0615 0.0888 -0.0069 -0.0113 0.0040  4   GLY A C    
57  O O    . GLY A 4 ? 0.0910 0.0650 0.0879 0.0101  -0.0098 0.0006  4   GLY A O    
58  H H    . GLY A 4 ? 0.0798 0.0604 0.0949 -0.0234 -0.0036 -0.0035 4   GLY A H    
59  H HA2  . GLY A 4 ? 0.0846 0.0616 0.0948 -0.0157 -0.0073 -0.0003 4   GLY A HA2  
60  H HA3  . GLY A 4 ? 0.0858 0.0616 0.0935 -0.0175 -0.0053 -0.0003 4   GLY A HA3  
61  N N    . VAL A 5 ? 0.0812 0.0605 0.0793 -0.0026 -0.0133 0.0003  5   VAL A N    
62  C CA   . VAL A 5 ? 0.0747 0.0587 0.0766 -0.0070 -0.0136 0.0018  5   VAL A CA   
63  C C    . VAL A 5 ? 0.0719 0.0546 0.0735 -0.0106 -0.0073 0.0038  5   VAL A C    
64  O O    . VAL A 5 ? 0.0804 0.0702 0.0714 0.0007  -0.0105 -0.0014 5   VAL A O    
65  C CB   . VAL A 5 ? 0.0746 0.0745 0.0889 -0.0094 -0.0086 -0.0009 5   VAL A CB   
66  C CG1  . VAL A 5 ? 0.0707 0.0900 0.1083 -0.0083 -0.0077 -0.0048 5   VAL A CG1  
67  C CG2  . VAL A 5 ? 0.0672 0.0903 0.0884 -0.0086 0.0007  0.0031  5   VAL A CG2  
68  H H    . VAL A 5 ? 0.0759 0.0618 0.0802 -0.0047 -0.0118 0.0013  5   VAL A H    
69  H HA   . VAL A 5 ? 0.0747 0.0614 0.0769 -0.0067 -0.0101 0.0027  5   VAL A HA   
70  H HB   . VAL A 5 ? 0.0730 0.0757 0.0873 -0.0087 -0.0070 -0.0013 5   VAL A HB   
71  H HG11 . VAL A 5 ? 0.0731 0.0875 0.1054 -0.0080 -0.0078 -0.0053 5   VAL A HG11 
72  H HG12 . VAL A 5 ? 0.0732 0.0856 0.1032 -0.0083 -0.0073 -0.0032 5   VAL A HG12 
73  H HG13 . VAL A 5 ? 0.0726 0.0867 0.1047 -0.0082 -0.0076 -0.0018 5   VAL A HG13 
74  H HG21 . VAL A 5 ? 0.0707 0.0847 0.0906 -0.0080 -0.0025 0.0029  5   VAL A HG21 
75  H HG22 . VAL A 5 ? 0.0696 0.0850 0.0894 -0.0084 -0.0027 0.0017  5   VAL A HG22 
76  H HG23 . VAL A 5 ? 0.0711 0.0854 0.0885 -0.0085 -0.0018 0.0019  5   VAL A HG23 
77  N N    . VAL A 6 ? 0.0644 0.0649 0.0747 -0.0027 -0.0056 0.0073  6   VAL A N    
78  C CA   . VAL A 6 ? 0.0612 0.0739 0.0929 0.0037  -0.0045 0.0109  6   VAL A CA   
79  C C    . VAL A 6 ? 0.0989 0.0846 0.0955 0.0142  -0.0124 -0.0047 6   VAL A C    
80  O O    . VAL A 6 ? 0.0963 0.1014 0.1103 0.0048  -0.0244 -0.0129 6   VAL A O    
81  C CB   . VAL A 6 ? 0.0727 0.0998 0.1405 -0.0031 0.0136  0.0215  6   VAL A CB   
82  C CG1  . VAL A 6 ? 0.0829 0.1000 0.1891 -0.0060 -0.0022 0.0102  6   VAL A CG1  
83  C CG2  . VAL A 6 ? 0.0763 0.1438 0.1590 0.0031  0.0337  0.0479  6   VAL A CG2  
84  O OXT  . VAL A 6 ? 0.1630 0.0966 0.1393 0.0400  -0.0363 -0.0187 6   VAL A OXT  
85  H H    . VAL A 6 ? 0.0667 0.0653 0.0770 -0.0024 -0.0066 0.0077  6   VAL A H    
86  H HA   . VAL A 6 ? 0.0696 0.0756 0.0917 0.0025  -0.0046 0.0107  6   VAL A HA   
87  H HB   . VAL A 6 ? 0.0739 0.1013 0.1347 -0.0016 0.0087  0.0204  6   VAL A HB   
88  H HG11 . VAL A 6 ? 0.0831 0.1049 0.1800 -0.0046 0.0030  0.0077  6   VAL A HG11 
89  H HG12 . VAL A 6 ? 0.0876 0.1020 0.1724 -0.0034 0.0011  0.0122  6   VAL A HG12 
90  H HG13 . VAL A 6 ? 0.0830 0.1022 0.1688 -0.0055 0.0022  0.0126  6   VAL A HG13 
91  H HG21 . VAL A 6 ? 0.0804 0.1246 0.1440 -0.0020 0.0233  0.0355  6   VAL A HG21 
92  H HG22 . VAL A 6 ? 0.0796 0.1294 0.1510 0.0021  0.0241  0.0368  6   VAL A HG22 
93  H HG23 . VAL A 6 ? 0.0783 0.1354 0.1573 0.0011  0.0247  0.0437  6   VAL A HG23 
94  N N    . VAL B 1 ? 0.0874 0.0703 0.0883 -0.0007 -0.0042 -0.0033 1   VAL B N    
95  C CA   . VAL B 1 ? 0.0729 0.0764 0.0836 0.0029  -0.0028 0.0008  1   VAL B CA   
96  C C    . VAL B 1 ? 0.0712 0.0757 0.0761 0.0080  0.0041  0.0074  1   VAL B C    
97  O O    . VAL B 1 ? 0.0969 0.0855 0.0785 0.0095  -0.0059 0.0081  1   VAL B O    
98  C CB   . VAL B 1 ? 0.0807 0.0946 0.0967 -0.0021 0.0070  0.0097  1   VAL B CB   
99  C CG1  . VAL B 1 ? 0.0832 0.0928 0.1320 -0.0085 0.0090  0.0063  1   VAL B CG1  
100 C CG2  . VAL B 1 ? 0.0719 0.1167 0.1044 0.0053  0.0121  0.0017  1   VAL B CG2  
101 H H1   . VAL B 1 ? 0.0825 0.0729 0.0885 -0.0014 -0.0026 -0.0016 1   VAL B H1   
102 H H2   . VAL B 1 ? 0.0829 0.0735 0.0876 0.0002  -0.0033 -0.0022 1   VAL B H2   
103 H H3   . VAL B 1 ? 0.0865 0.0732 0.0873 -0.0011 -0.0039 -0.0019 1   VAL B H3   
104 H HA   . VAL B 1 ? 0.0741 0.0783 0.0846 0.0037  -0.0019 0.0042  1   VAL B HA   
105 H HB   . VAL B 1 ? 0.0783 0.0932 0.1005 -0.0011 0.0061  0.0060  1   VAL B HB   
106 H HG11 . VAL B 1 ? 0.0866 0.0926 0.1178 -0.0055 0.0072  0.0071  1   VAL B HG11 
107 H HG12 . VAL B 1 ? 0.0862 0.0941 0.1237 -0.0048 0.0053  0.0071  1   VAL B HG12 
108 H HG13 . VAL B 1 ? 0.0855 0.0949 0.1216 -0.0044 0.0088  0.0092  1   VAL B HG13 
109 H HG21 . VAL B 1 ? 0.0759 0.1087 0.1025 0.0023  0.0092  0.0043  1   VAL B HG21 
110 H HG22 . VAL B 1 ? 0.0752 0.1096 0.1012 0.0025  0.0102  0.0039  1   VAL B HG22 
111 H HG23 . VAL B 1 ? 0.0752 0.1154 0.1014 0.0024  0.0102  0.0028  1   VAL B HG23 
112 N N    . VAL B 2 ? 0.0743 0.0681 0.0766 0.0180  0.0024  0.0052  2   VAL B N    
113 C CA   . VAL B 2 ? 0.0572 0.0686 0.0792 0.0044  0.0051  0.0072  2   VAL B CA   
114 C C    . VAL B 2 ? 0.0467 0.0550 0.0803 -0.0121 0.0031  -0.0001 2   VAL B C    
115 O O    . VAL B 2 ? 0.0528 0.0718 0.0784 -0.0063 0.0087  0.0014  2   VAL B O    
116 C CB   . VAL B 2 ? 0.0508 0.0940 0.0832 -0.0042 0.0115  0.0128  2   VAL B CB   
117 C CG1  . VAL B 2 ? 0.0529 0.0986 0.0925 -0.0116 0.0091  0.0133  2   VAL B CG1  
118 C CG2  . VAL B 2 ? 0.0608 0.1207 0.1054 0.0125  0.0237  0.0206  2   VAL B CG2  
119 H H    . VAL B 2 ? 0.0689 0.0706 0.0765 0.0114  0.0023  0.0075  2   VAL B H    
120 H HA   . VAL B 2 ? 0.0588 0.0701 0.0771 0.0017  0.0048  0.0067  2   VAL B HA   
121 H HB   . VAL B 2 ? 0.0556 0.0917 0.0857 -0.0004 0.0108  0.0132  2   VAL B HB   
122 H HG11 . VAL B 2 ? 0.0546 0.0946 0.0918 -0.0082 0.0082  0.0126  2   VAL B HG11 
123 H HG12 . VAL B 2 ? 0.0527 0.0965 0.0908 -0.0086 0.0094  0.0129  2   VAL B HG12 
124 H HG13 . VAL B 2 ? 0.0544 0.0963 0.0903 -0.0087 0.0096  0.0115  2   VAL B HG13 
125 H HG21 . VAL B 2 ? 0.0595 0.1105 0.1010 0.0053  0.0199  0.0148  2   VAL B HG21 
126 H HG22 . VAL B 2 ? 0.0670 0.1128 0.0982 0.0089  0.0219  0.0182  2   VAL B HG22 
127 H HG23 . VAL B 2 ? 0.0600 0.1173 0.0967 0.0056  0.0190  0.0172  2   VAL B HG23 
128 N N    . GLY B 3 ? 0.0452 0.0607 0.0841 -0.0089 0.0031  0.0008  3   GLY B N    
129 C CA   . GLY B 3 ? 0.0464 0.0740 0.0866 -0.0044 -0.0002 -0.0073 3   GLY B CA   
130 C C    . GLY B 3 ? 0.0338 0.0699 0.0913 -0.0028 -0.0053 -0.0050 3   GLY B C    
131 O O    . GLY B 3 ? 0.0430 0.0969 0.0941 -0.0178 0.0049  -0.0142 3   GLY B O    
132 H H    . GLY B 3 ? 0.0477 0.0620 0.0813 -0.0080 0.0023  -0.0008 3   GLY B H    
133 H HA2  . GLY B 3 ? 0.0466 0.0736 0.0868 -0.0034 -0.0007 -0.0066 3   GLY B HA2  
134 H HA3  . GLY B 3 ? 0.0468 0.0712 0.0870 -0.0057 -0.0001 -0.0055 3   GLY B HA3  
135 N N    . GLY B 4 ? 0.0399 0.0662 0.0929 -0.0116 0.0039  -0.0050 4   GLY B N    
136 C CA   . GLY B 4 ? 0.0537 0.0603 0.0850 -0.0059 0.0078  0.0025  4   GLY B CA   
137 C C    . GLY B 4 ? 0.0427 0.0614 0.0838 -0.0022 0.0045  -0.0014 4   GLY B C    
138 O O    . GLY B 4 ? 0.0542 0.0666 0.0801 -0.0015 0.0050  -0.0016 4   GLY B O    
139 H H    . GLY B 4 ? 0.0385 0.0652 0.0893 -0.0092 0.0027  -0.0026 4   GLY B H    
140 H HA2  . GLY B 4 ? 0.0528 0.0632 0.0869 -0.0065 0.0071  -0.0007 4   GLY B HA2  
141 H HA3  . GLY B 4 ? 0.0493 0.0622 0.0855 -0.0058 0.0061  0.0001  4   GLY B HA3  
142 N N    . VAL B 5 ? 0.0456 0.0565 0.0770 -0.0043 0.0054  0.0024  5   VAL B N    
143 C CA   . VAL B 5 ? 0.0631 0.0579 0.0800 0.0030  0.0004  0.0044  5   VAL B CA   
144 C C    . VAL B 5 ? 0.0812 0.0653 0.0795 0.0069  0.0024  0.0046  5   VAL B C    
145 O O    . VAL B 5 ? 0.1018 0.0757 0.0835 0.0204  -0.0011 0.0075  5   VAL B O    
146 C CB   . VAL B 5 ? 0.0759 0.0678 0.0883 -0.0115 -0.0006 0.0056  5   VAL B CB   
147 C CG1  . VAL B 5 ? 0.0794 0.0941 0.0935 -0.0129 0.0034  0.0038  5   VAL B CG1  
148 C CG2  . VAL B 5 ? 0.0795 0.0969 0.0976 -0.0112 -0.0051 0.0051  5   VAL B CG2  
149 H H    . VAL B 5 ? 0.0504 0.0596 0.0780 -0.0025 0.0033  0.0027  5   VAL B H    
150 H HA   . VAL B 5 ? 0.0643 0.0609 0.0789 0.0000  0.0005  0.0042  5   VAL B HA   
151 H HB   . VAL B 5 ? 0.0748 0.0698 0.0883 -0.0073 -0.0005 0.0044  5   VAL B HB   
152 H HG11 . VAL B 5 ? 0.0808 0.0877 0.0925 -0.0125 0.0039  0.0030  5   VAL B HG11 
153 H HG12 . VAL B 5 ? 0.0803 0.0876 0.0921 -0.0112 0.0024  0.0036  5   VAL B HG12 
154 H HG13 . VAL B 5 ? 0.0789 0.0919 0.0912 -0.0128 0.0023  0.0042  5   VAL B HG13 
155 H HG21 . VAL B 5 ? 0.0776 0.0957 0.0937 -0.0114 -0.0028 0.0042  5   VAL B HG21 
156 H HG22 . VAL B 5 ? 0.0809 0.0896 0.0946 -0.0094 -0.0047 0.0044  5   VAL B HG22 
157 H HG23 . VAL B 5 ? 0.0789 0.0893 0.0967 -0.0111 -0.0039 0.0059  5   VAL B HG23 
158 N N    . VAL B 6 ? 0.0809 0.0660 0.0811 0.0065  -0.0049 0.0048  6   VAL B N    
159 C CA   . VAL B 6 ? 0.0774 0.0704 0.0832 -0.0054 -0.0035 -0.0004 6   VAL B CA   
160 C C    . VAL B 6 ? 0.0765 0.0689 0.0915 -0.0031 -0.0046 0.0039  6   VAL B C    
161 O O    . VAL B 6 ? 0.0914 0.0748 0.1017 -0.0136 -0.0015 -0.0061 6   VAL B O    
162 C CB   . VAL B 6 ? 0.0788 0.0895 0.0878 -0.0143 0.0003  -0.0049 6   VAL B CB   
163 C CG1  . VAL B 6 ? 0.1079 0.1020 0.1142 -0.0291 0.0046  0.0005  6   VAL B CG1  
164 C CG2  . VAL B 6 ? 0.0685 0.1103 0.1022 -0.0103 0.0017  0.0053  6   VAL B CG2  
165 O OXT  . VAL B 6 ? 0.0764 0.0713 0.0924 -0.0067 0.0045  0.0001  6   VAL B OXT  
166 H H    . VAL B 6 ? 0.0792 0.0669 0.0790 0.0033  -0.0028 0.0043  6   VAL B H    
167 H HA   . VAL B 6 ? 0.0793 0.0729 0.0847 -0.0034 -0.0038 0.0010  6   VAL B HA   
168 H HB   . VAL B 6 ? 0.0818 0.0895 0.0877 -0.0132 0.0016  -0.0039 6   VAL B HB   
169 H HG11 . VAL B 6 ? 0.1028 0.0998 0.1104 -0.0248 0.0065  -0.0033 6   VAL B HG11 
170 H HG12 . VAL B 6 ? 0.1056 0.0989 0.1065 -0.0223 0.0018  -0.0005 6   VAL B HG12 
171 H HG13 . VAL B 6 ? 0.0992 0.0995 0.1114 -0.0222 0.0026  0.0025  6   VAL B HG13 
172 H HG21 . VAL B 6 ? 0.0740 0.1022 0.0998 -0.0102 -0.0003 0.0029  6   VAL B HG21 
173 H HG22 . VAL B 6 ? 0.0715 0.1039 0.0976 -0.0112 0.0013  0.0025  6   VAL B HG22 
174 H HG23 . VAL B 6 ? 0.0724 0.1090 0.0976 -0.0105 0.0009  0.0034  6   VAL B HG23 
175 O O    . HOH C . ? 0.1486 0.1311 0.1753 -0.0386 0.0820  -0.0125 101 HOH A O    
176 O O    A HOH C . ? 0.0535 0.1417 0.1569 -0.0257 0.0140  -0.0310 102 HOH A O    
177 O O    B HOH C . ? 0.0419 0.0722 0.0719 -0.0292 0.0247  0.0251  102 HOH A O    
178 O O    C HOH C . ? 0.0472 0.0986 0.1442 -0.0558 -0.0492 0.0329  102 HOH A O    
179 O O    . HOH C . ? 0.1664 0.1685 0.1631 -0.0128 -0.0032 0.0034  103 HOH A O    
180 O O    . HOH D . ? 0.0687 0.1079 0.3094 -0.0186 -0.0022 0.0629  101 HOH B O    
181 O O    . HOH D . ? 0.1454 0.1063 0.1163 -0.0174 -0.0115 -0.0091 102 HOH B O    
182 O O    A HOH D . ? 0.0849 0.1013 0.2598 0.0078  0.0367  0.0967  103 HOH B O    
183 O O    B HOH D . ? 0.0585 0.2329 0.2846 -0.0512 0.0231  0.0522  104 HOH B O    
184 O O    . HOH D . ? 0.0919 0.1148 0.1423 -0.0041 0.0199  0.0080  105 HOH B O    
185 O O    . HOH D . ? 0.0750 0.1335 0.1134 -0.0377 0.0031  0.0120  106 HOH B O    
186 O O    . HOH D . ? 0.0744 0.0931 0.1065 -0.0182 -0.0076 -0.0024 107 HOH B O    
# 
